data_7ZCX
#
_entry.id   7ZCX
#
_cell.length_a   1.00
_cell.length_b   1.00
_cell.length_c   1.00
_cell.angle_alpha   90.00
_cell.angle_beta   90.00
_cell.angle_gamma   90.00
#
_symmetry.space_group_name_H-M   'P 1'
#
loop_
_entity.id
_entity.type
_entity.pdbx_description
1 polymer 'S-layer protein A'
2 branched 6-deoxy-6-sulfo-beta-D-glucopyranose-(1-3)-[alpha-D-mannopyranose-(1-6)]2-acetamido-2-deoxy-beta-D-glucopyranose-(1-4)-2-acetamido-2-deoxy-beta-D-glucopyranose
3 branched 2-acetamido-2-deoxy-beta-D-glucopyranose-(1-4)-2-acetamido-2-deoxy-beta-D-glucopyranose
4 branched beta-D-glucopyranose-(1-4)-6-deoxy-6-sulfo-beta-D-glucopyranose-(1-3)-[alpha-D-mannopyranose-(1-4)][alpha-D-mannopyranose-(1-6)]2-acetamido-2-deoxy-beta-D-glucopyranose-(1-4)-2-acetamido-2-deoxy-beta-D-glucopyranose
5 branched 6-deoxy-6-sulfo-beta-D-glucopyranose-(1-3)-[alpha-D-mannopyranose-(1-4)][alpha-D-mannopyranose-(1-6)]2-acetamido-2-deoxy-beta-D-glucopyranose-(1-4)-2-acetamido-2-deoxy-beta-D-glucopyranose
6 branched alpha-D-mannopyranose-(1-6)-2-acetamido-2-deoxy-beta-D-glucopyranose-(1-4)-2-acetamido-2-deoxy-beta-D-glucopyranose
7 branched alpha-D-mannopyranose-(1-4)-[alpha-D-mannopyranose-(1-6)]2-acetamido-2-deoxy-beta-D-glucopyranose-(1-4)-2-acetamido-2-deoxy-beta-D-glucopyranose
8 non-polymer 2-acetamido-2-deoxy-beta-D-glucopyranose
9 non-polymer 6-deoxy-6-sulfo-beta-D-glucopyranose
#
_entity_poly.entity_id   1
_entity_poly.type   'polypeptide(L)'
_entity_poly.pdbx_seq_one_letter_code
;MNKLVGLLVSSLFLASILIGIAPAITTTALTPPVSAGGIQAYLLTGSGAPASGLVLFVVNVSNIQVSSSNVTNVISTVVS
NIQINAKTENAQTGATTGSVTVRFPTSGYNAYYDSVDKVVFVVVSFLYPYTTTSVNIPLSYLSKYLPGLLTAQPYDETGA
QVTSVSSTPFGSLIDTSTGQQILGTNPVLTSYNSYTTQANTNMQEGVVSGTLTSFTLGGQSFSGSTVPVILYAPFIFSNS
PYQAGLYNPMQVNGNLGSLSSEAYYHPVIWGRALINTTLIDTYASGSVPFTFQLNYSVPGPLTINMAQLAWIASINNLPT
SFTYLSYKFSNGYESFLGIISNSTQLTAGALTINPSGNFTINGKKFYVYLLVVGSTNSTTPVEYVTKLVVEYPSSTNFLP
QGVTVTTSSNKYTLPVYEIGGPAGTTITLTGNWYSTPYTVQITVGSTPTLTNYVSQILLKAVAYEGINVSTTQSPYYSTA
ILSTPPSEISITGSSTITAQGKLTATSASATVNLLTNATLTYENIPLTQYSFNGIIVTPGYAAINGTTAMAYVIGALYNK
TSDYVLSFAGSQEPMQVMNNNLTEVTTLAPFGLTLLAPSVPATETGTSPLQLEFFTVPSTSYIALVDFGLWGNLTSVTVS
AYDTVNNKLSVNLGYFYGIVIPPSISTAPYNYQNFICPNNYVTVTIYDPDAVLDPYPSGSFTTSSLPLKYGNMNITGAVI
FPGSSVYNPSGVFGYSNFNKGAAVTTFTYTAQSGPFSPVALTGNTNYLSQYADNNPTDNYYFIQTVNGMPVLMGGLSIVA
SPVSASLPSSTSSPGFMYLLPSAAQVPSPLPGMATPNYNLNIYITYKIDGATVGNNMINGLYVASQNTLIYVVPNGSFVG
SNIKLTYTTTDYAVLHYFYSTGQYKVFKTVSVPNVTANLYFPSSTTPLYQLSVPLYLSEPYYGSPLPTYIGLGTNGTSLW
NSPNYVLFGVSAVQQYLGFIKSISVTLSNGTTVVIPLTTSNMQTLFPQLVGQELQACNGTFQFGISITGLEKLLNLNVQQ
LNNSILSVTYHDYVTGETLTATTKLVALSTLSLVAKGAGVVEFLLTAYPYTGNITFAPPWFIAENVVKQPFMTYSDLQFA
KTNPSAILSLSTVNITVVGLGGKASVYYNSTSGQTVITNIYGQTVATLSGNVLPTLTELAAGNGTFTGSLQFTIVPNNTV
VQIPSSLTKTSFAVYTNGSLAIVLNGKAYSLGPAGLFLLPFVTYTGSAIGANATAIITVSDGVGTSTTQVPITAENFTPI
RLAPFQVPAQVPLPNAPKLKYEYNGSIVITPQQQVLKIYVTSILPYPQEFQIQAFVYEASQFNVHTGSPTAAPVYFSYSA
VRAYPALGIGTSVPNLLVYVQLQGISNLPAGKYVIVLSAVPFAGGPVLSEYPAQLIFTNVTLTQ
;
_entity_poly.pdbx_strand_id   AAA
#
# COMPACT_ATOMS: atom_id res chain seq x y z
N LEU A 30 -6.52 22.34 -32.14
CA LEU A 30 -5.99 21.04 -32.67
C LEU A 30 -4.75 20.63 -31.90
N THR A 31 -4.69 19.36 -31.49
CA THR A 31 -3.55 18.78 -30.77
C THR A 31 -3.18 17.45 -31.42
N PRO A 32 -1.95 17.24 -31.94
CA PRO A 32 -0.90 18.27 -32.04
C PRO A 32 -1.17 19.29 -33.14
N PRO A 33 -0.48 20.45 -33.12
CA PRO A 33 -0.55 21.42 -34.23
C PRO A 33 0.05 20.89 -35.53
N VAL A 34 -0.38 21.52 -36.63
CA VAL A 34 0.09 21.17 -37.98
C VAL A 34 0.97 22.28 -38.53
N SER A 35 2.21 21.91 -38.90
CA SER A 35 3.26 22.84 -39.30
C SER A 35 2.95 23.52 -40.63
N ALA A 36 3.71 24.57 -40.91
CA ALA A 36 3.82 25.20 -42.22
C ALA A 36 4.06 24.15 -43.32
N GLY A 37 3.11 24.04 -44.26
CA GLY A 37 3.15 23.11 -45.38
C GLY A 37 3.21 21.62 -44.99
N GLY A 38 2.81 21.29 -43.75
CA GLY A 38 2.82 19.91 -43.27
C GLY A 38 1.44 19.23 -43.33
N ILE A 39 1.39 17.92 -43.00
CA ILE A 39 0.18 17.11 -43.03
C ILE A 39 -0.04 16.47 -41.67
N GLN A 40 -1.31 16.38 -41.22
CA GLN A 40 -1.63 15.72 -39.96
C GLN A 40 -3.00 15.02 -40.01
N ALA A 41 -3.20 14.02 -39.13
CA ALA A 41 -4.44 13.24 -39.07
C ALA A 41 -5.04 13.16 -37.67
N TYR A 42 -6.38 13.24 -37.58
CA TYR A 42 -7.11 13.25 -36.33
C TYR A 42 -8.36 12.37 -36.41
N LEU A 43 -8.63 11.52 -35.39
CA LEU A 43 -9.85 10.73 -35.39
C LEU A 43 -11.04 11.54 -34.88
N LEU A 44 -12.17 11.46 -35.61
CA LEU A 44 -13.41 12.10 -35.21
C LEU A 44 -14.07 11.26 -34.13
N THR A 45 -14.24 11.84 -32.94
CA THR A 45 -14.70 11.13 -31.75
C THR A 45 -15.68 11.98 -30.92
N GLY A 46 -16.23 11.41 -29.83
CA GLY A 46 -16.97 12.19 -28.85
C GLY A 46 -18.49 12.19 -29.08
N SER A 47 -19.19 13.06 -28.34
CA SER A 47 -20.64 13.16 -28.43
C SER A 47 -21.07 13.75 -29.77
N GLY A 48 -22.05 13.11 -30.41
CA GLY A 48 -22.58 13.56 -31.69
C GLY A 48 -21.75 13.15 -32.91
N ALA A 49 -20.67 12.36 -32.72
CA ALA A 49 -19.84 11.86 -33.80
C ALA A 49 -20.68 11.03 -34.78
N PRO A 50 -20.63 11.28 -36.11
CA PRO A 50 -21.61 10.71 -37.03
C PRO A 50 -21.66 9.18 -37.12
N ALA A 51 -20.47 8.56 -37.15
CA ALA A 51 -20.25 7.11 -37.23
C ALA A 51 -18.83 6.78 -36.76
N SER A 52 -18.55 5.50 -36.50
CA SER A 52 -17.21 5.05 -36.14
C SER A 52 -16.31 4.94 -37.37
N GLY A 53 -15.00 5.16 -37.19
CA GLY A 53 -14.04 4.84 -38.25
C GLY A 53 -13.87 5.97 -39.25
N LEU A 54 -13.97 7.21 -38.73
CA LEU A 54 -13.79 8.39 -39.55
C LEU A 54 -12.49 9.08 -39.14
N VAL A 55 -11.66 9.44 -40.11
CA VAL A 55 -10.48 10.23 -39.80
C VAL A 55 -10.42 11.47 -40.69
N LEU A 56 -9.93 12.58 -40.13
CA LEU A 56 -9.80 13.85 -40.83
C LEU A 56 -8.33 14.13 -41.10
N PHE A 57 -7.99 14.33 -42.37
CA PHE A 57 -6.66 14.77 -42.76
C PHE A 57 -6.67 16.27 -43.07
N VAL A 58 -5.60 16.99 -42.63
CA VAL A 58 -5.46 18.41 -42.91
C VAL A 58 -4.06 18.71 -43.43
N VAL A 59 -3.96 19.67 -44.37
CA VAL A 59 -2.71 20.27 -44.81
C VAL A 59 -2.78 21.78 -44.57
N ASN A 60 -1.72 22.35 -43.99
CA ASN A 60 -1.65 23.78 -43.71
C ASN A 60 -1.32 24.55 -44.99
N VAL A 61 -2.18 25.52 -45.37
CA VAL A 61 -2.02 26.30 -46.60
C VAL A 61 -2.05 27.81 -46.30
N SER A 62 -1.99 28.18 -45.01
CA SER A 62 -1.87 29.56 -44.51
C SER A 62 -0.65 30.28 -45.07
N ASN A 63 0.37 29.51 -45.49
CA ASN A 63 1.64 30.02 -45.99
C ASN A 63 1.51 30.79 -47.31
N ILE A 64 0.37 30.67 -48.00
CA ILE A 64 0.12 31.35 -49.28
C ILE A 64 -1.28 31.99 -49.29
N GLN A 65 -1.52 32.86 -50.28
CA GLN A 65 -2.85 33.38 -50.56
C GLN A 65 -3.58 32.43 -51.50
N VAL A 66 -4.92 32.38 -51.35
CA VAL A 66 -5.84 31.62 -52.21
C VAL A 66 -7.09 32.47 -52.45
N SER A 67 -7.67 32.35 -53.65
CA SER A 67 -8.80 33.16 -54.08
C SER A 67 -9.83 32.30 -54.83
N SER A 68 -11.03 32.84 -55.06
CA SER A 68 -12.06 32.16 -55.83
C SER A 68 -11.57 31.82 -57.25
N SER A 69 -10.57 32.56 -57.73
CA SER A 69 -10.00 32.38 -59.07
C SER A 69 -9.16 31.10 -59.19
N ASN A 70 -8.58 30.63 -58.07
CA ASN A 70 -7.60 29.56 -58.11
C ASN A 70 -7.79 28.46 -57.05
N VAL A 71 -8.88 28.50 -56.27
CA VAL A 71 -9.14 27.52 -55.21
C VAL A 71 -9.21 26.08 -55.75
N THR A 72 -9.87 25.88 -56.90
CA THR A 72 -9.94 24.56 -57.53
C THR A 72 -8.55 24.03 -57.88
N ASN A 73 -7.64 24.90 -58.30
CA ASN A 73 -6.29 24.50 -58.62
C ASN A 73 -5.49 24.13 -57.36
N VAL A 74 -5.67 24.87 -56.24
CA VAL A 74 -4.90 24.57 -55.05
C VAL A 74 -5.36 23.27 -54.38
N ILE A 75 -6.67 23.06 -54.23
CA ILE A 75 -7.15 21.82 -53.65
C ILE A 75 -6.77 20.62 -54.51
N SER A 76 -6.87 20.75 -55.84
CA SER A 76 -6.46 19.71 -56.78
C SER A 76 -4.97 19.35 -56.64
N THR A 77 -4.13 20.37 -56.54
CA THR A 77 -2.69 20.19 -56.38
C THR A 77 -2.35 19.49 -55.05
N VAL A 78 -2.94 19.94 -53.94
CA VAL A 78 -2.66 19.34 -52.64
C VAL A 78 -3.13 17.87 -52.58
N VAL A 79 -4.40 17.61 -52.90
CA VAL A 79 -4.96 16.28 -52.69
C VAL A 79 -4.42 15.23 -53.66
N SER A 80 -3.85 15.65 -54.80
CA SER A 80 -3.12 14.76 -55.69
C SER A 80 -1.93 14.06 -54.99
N ASN A 81 -1.29 14.77 -54.05
CA ASN A 81 -0.03 14.36 -53.42
C ASN A 81 -0.17 13.55 -52.12
N ILE A 82 -1.41 13.27 -51.66
CA ILE A 82 -1.63 12.49 -50.44
C ILE A 82 -1.47 10.99 -50.69
N GLN A 83 -0.75 10.31 -49.79
CA GLN A 83 -0.71 8.84 -49.73
C GLN A 83 -1.15 8.35 -48.35
N ILE A 84 -1.98 7.28 -48.33
CA ILE A 84 -2.57 6.73 -47.12
C ILE A 84 -2.17 5.25 -47.02
N ASN A 85 -1.75 4.82 -45.82
CA ASN A 85 -1.33 3.45 -45.55
C ASN A 85 -2.28 2.79 -44.57
N ALA A 86 -2.76 1.59 -44.89
CA ALA A 86 -3.74 0.87 -44.09
C ALA A 86 -3.18 -0.49 -43.70
N LYS A 87 -3.20 -0.80 -42.39
CA LYS A 87 -2.65 -2.04 -41.87
C LYS A 87 -3.65 -2.78 -40.97
N THR A 88 -3.39 -4.08 -40.80
CA THR A 88 -3.93 -4.84 -39.69
C THR A 88 -2.80 -5.46 -38.90
N GLU A 89 -3.00 -5.59 -37.59
CA GLU A 89 -1.99 -6.09 -36.67
C GLU A 89 -2.64 -7.02 -35.65
N ASN A 90 -1.82 -7.88 -35.04
CA ASN A 90 -2.22 -8.63 -33.86
C ASN A 90 -1.99 -7.72 -32.65
N ALA A 91 -3.04 -7.51 -31.83
CA ALA A 91 -3.07 -6.45 -30.83
C ALA A 91 -2.06 -6.63 -29.68
N GLN A 92 -1.66 -7.88 -29.39
CA GLN A 92 -0.73 -8.18 -28.30
C GLN A 92 0.73 -8.02 -28.73
N THR A 93 1.08 -8.62 -29.89
CA THR A 93 2.46 -8.81 -30.32
C THR A 93 2.98 -7.67 -31.19
N GLY A 94 2.08 -6.99 -31.91
CA GLY A 94 2.43 -5.93 -32.84
C GLY A 94 2.85 -6.45 -34.23
N ALA A 95 2.66 -7.75 -34.47
CA ALA A 95 2.94 -8.33 -35.78
C ALA A 95 1.94 -7.84 -36.83
N THR A 96 2.44 -7.38 -37.99
CA THR A 96 1.62 -6.97 -39.12
C THR A 96 1.03 -8.20 -39.81
N THR A 97 -0.23 -8.12 -40.22
CA THR A 97 -0.97 -9.23 -40.81
C THR A 97 -1.60 -8.84 -42.16
N GLY A 98 -1.16 -7.73 -42.75
CA GLY A 98 -1.68 -7.24 -44.01
C GLY A 98 -1.58 -5.72 -44.13
N SER A 99 -1.16 -5.23 -45.31
CA SER A 99 -0.83 -3.84 -45.53
C SER A 99 -1.13 -3.41 -46.98
N VAL A 100 -1.74 -2.21 -47.16
CA VAL A 100 -2.04 -1.62 -48.47
C VAL A 100 -1.71 -0.13 -48.45
N THR A 101 -1.39 0.46 -49.62
CA THR A 101 -1.08 1.89 -49.74
C THR A 101 -1.74 2.53 -50.96
N VAL A 102 -2.49 3.63 -50.73
CA VAL A 102 -3.51 4.09 -51.66
C VAL A 102 -3.42 5.59 -51.96
N ARG A 103 -4.07 5.99 -53.07
CA ARG A 103 -4.00 7.32 -53.66
C ARG A 103 -5.39 7.76 -54.12
N PHE A 104 -5.69 9.06 -54.03
CA PHE A 104 -6.97 9.60 -54.49
C PHE A 104 -7.07 9.61 -56.02
N PRO A 105 -8.23 9.27 -56.62
CA PRO A 105 -8.42 9.45 -58.06
C PRO A 105 -8.39 10.92 -58.49
N THR A 106 -8.45 11.12 -59.82
CA THR A 106 -8.42 12.45 -60.45
C THR A 106 -9.80 13.12 -60.49
N SER A 107 -10.88 12.35 -60.28
CA SER A 107 -12.25 12.84 -60.18
C SER A 107 -13.09 11.99 -59.23
N GLY A 108 -14.17 12.60 -58.69
CA GLY A 108 -15.20 11.89 -57.94
C GLY A 108 -14.98 11.82 -56.42
N TYR A 109 -13.89 12.42 -55.94
CA TYR A 109 -13.62 12.54 -54.52
C TYR A 109 -14.22 13.83 -53.96
N ASN A 110 -14.29 13.97 -52.62
CA ASN A 110 -14.74 15.18 -51.95
C ASN A 110 -13.61 15.79 -51.13
N ALA A 111 -13.31 17.07 -51.37
CA ALA A 111 -12.27 17.74 -50.63
C ALA A 111 -12.58 19.24 -50.53
N TYR A 112 -12.25 19.84 -49.38
CA TYR A 112 -12.76 21.16 -49.06
C TYR A 112 -11.63 22.11 -48.63
N TYR A 113 -11.92 23.42 -48.70
CA TYR A 113 -11.02 24.44 -48.20
C TYR A 113 -11.77 25.42 -47.29
N ASP A 114 -11.19 25.74 -46.13
CA ASP A 114 -11.74 26.75 -45.25
C ASP A 114 -10.91 28.03 -45.33
N SER A 115 -11.56 29.12 -45.78
CA SER A 115 -10.99 30.45 -45.88
C SER A 115 -10.57 31.00 -44.51
N VAL A 116 -11.32 30.63 -43.47
CA VAL A 116 -11.16 31.22 -42.15
C VAL A 116 -9.90 30.68 -41.47
N ASP A 117 -9.76 29.34 -41.38
CA ASP A 117 -8.62 28.71 -40.73
C ASP A 117 -7.44 28.45 -41.69
N LYS A 118 -7.64 28.63 -43.01
CA LYS A 118 -6.63 28.53 -44.06
C LYS A 118 -6.05 27.11 -44.21
N VAL A 119 -6.92 26.08 -44.25
CA VAL A 119 -6.52 24.68 -44.36
C VAL A 119 -7.37 23.95 -45.40
N VAL A 120 -6.74 23.00 -46.11
CA VAL A 120 -7.43 22.06 -46.99
C VAL A 120 -7.65 20.77 -46.21
N PHE A 121 -8.86 20.20 -46.29
CA PHE A 121 -9.20 19.03 -45.48
C PHE A 121 -10.02 17.98 -46.24
N VAL A 122 -9.87 16.71 -45.81
CA VAL A 122 -10.61 15.58 -46.35
C VAL A 122 -10.98 14.63 -45.22
N VAL A 123 -12.20 14.06 -45.26
CA VAL A 123 -12.64 13.07 -44.30
C VAL A 123 -12.82 11.74 -45.03
N VAL A 124 -12.16 10.67 -44.54
CA VAL A 124 -12.21 9.35 -45.15
C VAL A 124 -12.94 8.40 -44.21
N SER A 125 -13.85 7.58 -44.76
CA SER A 125 -14.55 6.60 -43.94
C SER A 125 -14.06 5.19 -44.25
N PHE A 126 -13.57 4.50 -43.20
CA PHE A 126 -12.84 3.24 -43.36
C PHE A 126 -13.66 2.01 -42.97
N LEU A 127 -14.62 2.17 -42.06
CA LEU A 127 -15.24 1.01 -41.41
C LEU A 127 -16.74 0.90 -41.70
N TYR A 128 -17.27 -0.33 -41.53
CA TYR A 128 -18.66 -0.71 -41.77
C TYR A 128 -19.66 0.16 -41.00
N PRO A 129 -20.81 0.57 -41.57
CA PRO A 129 -21.21 0.26 -42.95
C PRO A 129 -20.68 1.15 -44.07
N TYR A 130 -20.06 2.29 -43.73
CA TYR A 130 -19.71 3.32 -44.70
C TYR A 130 -18.36 3.10 -45.37
N THR A 131 -18.07 1.85 -45.78
CA THR A 131 -16.80 1.48 -46.39
C THR A 131 -16.79 1.84 -47.88
N THR A 132 -17.94 1.57 -48.54
CA THR A 132 -18.15 1.78 -49.96
C THR A 132 -19.01 3.02 -50.22
N THR A 133 -20.01 3.27 -49.35
CA THR A 133 -20.90 4.42 -49.44
C THR A 133 -20.35 5.62 -48.66
N SER A 134 -20.86 6.82 -48.96
CA SER A 134 -20.49 8.02 -48.22
C SER A 134 -21.44 8.28 -47.05
N VAL A 135 -20.97 9.04 -46.05
CA VAL A 135 -21.77 9.47 -44.89
C VAL A 135 -21.62 10.99 -44.73
N ASN A 136 -22.65 11.62 -44.15
CA ASN A 136 -22.75 13.08 -44.03
C ASN A 136 -22.44 13.56 -42.62
N ILE A 137 -21.55 14.55 -42.52
CA ILE A 137 -21.06 15.08 -41.26
C ILE A 137 -21.63 16.49 -41.11
N PRO A 138 -22.53 16.75 -40.13
CA PRO A 138 -23.01 18.10 -39.83
C PRO A 138 -21.91 19.07 -39.41
N LEU A 139 -22.02 20.28 -39.94
CA LEU A 139 -20.99 21.30 -39.77
C LEU A 139 -20.94 21.87 -38.35
N SER A 140 -22.02 21.71 -37.58
CA SER A 140 -22.08 22.03 -36.16
C SER A 140 -21.04 21.23 -35.37
N TYR A 141 -21.00 19.89 -35.61
CA TYR A 141 -20.08 18.95 -34.98
C TYR A 141 -18.63 19.28 -35.29
N LEU A 142 -18.30 19.38 -36.58
CA LEU A 142 -16.93 19.53 -37.06
C LEU A 142 -16.23 20.79 -36.53
N SER A 143 -17.01 21.76 -36.04
CA SER A 143 -16.51 23.03 -35.52
C SER A 143 -15.60 22.86 -34.30
N LYS A 144 -15.57 21.67 -33.69
CA LYS A 144 -14.63 21.35 -32.61
C LYS A 144 -13.18 21.38 -33.10
N TYR A 145 -12.97 20.98 -34.36
CA TYR A 145 -11.64 20.80 -34.91
C TYR A 145 -11.30 21.92 -35.89
N LEU A 146 -12.31 22.40 -36.63
CA LEU A 146 -12.19 23.46 -37.61
C LEU A 146 -13.16 24.59 -37.26
N PRO A 147 -12.85 25.40 -36.21
CA PRO A 147 -13.79 26.39 -35.67
C PRO A 147 -14.18 27.49 -36.65
N GLY A 148 -13.38 27.74 -37.68
CA GLY A 148 -13.72 28.69 -38.72
C GLY A 148 -15.04 28.40 -39.43
N LEU A 149 -15.50 27.14 -39.39
CA LEU A 149 -16.67 26.69 -40.17
C LEU A 149 -17.98 27.33 -39.69
N LEU A 150 -18.00 27.90 -38.47
CA LEU A 150 -19.16 28.64 -38.01
C LEU A 150 -19.18 30.09 -38.50
N THR A 151 -18.06 30.57 -39.10
CA THR A 151 -17.87 31.95 -39.54
C THR A 151 -18.16 32.09 -41.04
N ALA A 152 -17.69 31.13 -41.86
CA ALA A 152 -17.99 31.08 -43.29
C ALA A 152 -18.07 29.64 -43.80
N GLN A 153 -18.97 29.40 -44.75
CA GLN A 153 -19.16 28.08 -45.34
C GLN A 153 -17.90 27.68 -46.11
N PRO A 154 -17.52 26.37 -46.11
CA PRO A 154 -16.31 25.94 -46.79
C PRO A 154 -16.46 25.98 -48.31
N TYR A 155 -15.34 26.22 -48.99
CA TYR A 155 -15.27 25.94 -50.41
C TYR A 155 -15.30 24.43 -50.65
N ASP A 156 -16.11 24.05 -51.63
CA ASP A 156 -16.22 22.71 -52.18
C ASP A 156 -15.07 22.46 -53.18
N GLU A 157 -15.00 21.26 -53.76
CA GLU A 157 -14.36 21.11 -55.06
C GLU A 157 -15.18 21.89 -56.10
N THR A 158 -14.57 22.24 -57.24
CA THR A 158 -15.23 22.94 -58.35
C THR A 158 -15.67 24.36 -57.99
N GLY A 159 -15.17 24.90 -56.86
CA GLY A 159 -15.26 26.32 -56.54
C GLY A 159 -16.53 26.77 -55.83
N ALA A 160 -17.50 25.87 -55.64
CA ALA A 160 -18.76 26.19 -54.99
C ALA A 160 -18.59 26.37 -53.48
N GLN A 161 -19.65 26.82 -52.80
CA GLN A 161 -19.72 26.74 -51.35
C GLN A 161 -20.96 25.92 -50.94
N VAL A 162 -20.83 25.13 -49.86
CA VAL A 162 -21.87 24.20 -49.45
C VAL A 162 -21.97 24.12 -47.93
N THR A 163 -23.10 23.58 -47.44
CA THR A 163 -23.47 23.63 -46.03
C THR A 163 -23.13 22.34 -45.27
N SER A 164 -22.72 21.27 -45.97
CA SER A 164 -22.58 19.94 -45.39
C SER A 164 -21.43 19.15 -46.04
N VAL A 165 -20.78 18.29 -45.24
CA VAL A 165 -19.57 17.58 -45.59
C VAL A 165 -19.89 16.09 -45.82
N SER A 166 -19.30 15.50 -46.86
CA SER A 166 -19.48 14.09 -47.18
C SER A 166 -18.13 13.37 -47.21
N SER A 167 -18.07 12.16 -46.64
CA SER A 167 -16.83 11.40 -46.61
C SER A 167 -16.42 10.92 -48.01
N THR A 168 -15.11 10.87 -48.29
CA THR A 168 -14.61 10.01 -49.35
C THR A 168 -14.52 8.58 -48.82
N PRO A 169 -15.20 7.57 -49.43
CA PRO A 169 -15.13 6.21 -48.90
C PRO A 169 -13.84 5.49 -49.25
N PHE A 170 -13.27 4.75 -48.28
CA PHE A 170 -12.02 4.02 -48.44
C PHE A 170 -12.06 3.12 -49.67
N GLY A 171 -13.19 2.43 -49.89
CA GLY A 171 -13.33 1.51 -51.01
C GLY A 171 -13.41 2.15 -52.40
N SER A 172 -13.02 3.43 -52.53
CA SER A 172 -13.02 4.18 -53.78
C SER A 172 -11.61 4.54 -54.24
N LEU A 173 -10.62 4.32 -53.38
CA LEU A 173 -9.26 4.78 -53.63
C LEU A 173 -8.48 3.77 -54.49
N ILE A 174 -7.35 4.22 -55.04
CA ILE A 174 -6.54 3.51 -56.03
C ILE A 174 -5.33 2.87 -55.35
N ASP A 175 -5.10 1.58 -55.64
CA ASP A 175 -3.95 0.85 -55.13
C ASP A 175 -2.69 1.28 -55.89
N THR A 176 -1.73 1.86 -55.18
CA THR A 176 -0.51 2.32 -55.82
C THR A 176 0.29 1.18 -56.43
N SER A 177 0.08 -0.04 -55.93
CA SER A 177 0.70 -1.28 -56.40
C SER A 177 0.23 -1.71 -57.79
N THR A 178 -0.89 -1.14 -58.28
CA THR A 178 -1.73 -1.78 -59.29
C THR A 178 -2.24 -0.78 -60.35
N GLY A 179 -2.48 0.47 -59.91
CA GLY A 179 -2.93 1.53 -60.79
C GLY A 179 -4.43 1.49 -61.04
N GLN A 180 -5.17 0.78 -60.19
CA GLN A 180 -6.62 0.62 -60.30
C GLN A 180 -7.30 0.69 -58.93
N GLN A 181 -8.64 0.75 -58.93
CA GLN A 181 -9.46 0.85 -57.74
C GLN A 181 -9.27 -0.37 -56.84
N ILE A 182 -9.22 -0.16 -55.51
CA ILE A 182 -9.00 -1.20 -54.50
C ILE A 182 -10.01 -2.34 -54.68
N LEU A 183 -9.51 -3.58 -54.65
CA LEU A 183 -10.33 -4.76 -54.91
C LEU A 183 -11.26 -5.03 -53.73
N GLY A 184 -12.50 -5.40 -54.04
CA GLY A 184 -13.49 -5.82 -53.04
C GLY A 184 -13.09 -7.09 -52.27
N THR A 185 -12.20 -7.89 -52.86
CA THR A 185 -11.76 -9.17 -52.31
C THR A 185 -10.50 -9.06 -51.46
N ASN A 186 -9.85 -7.87 -51.45
CA ASN A 186 -8.58 -7.61 -50.79
C ASN A 186 -8.71 -7.84 -49.27
N PRO A 187 -7.68 -8.42 -48.59
CA PRO A 187 -7.81 -8.79 -47.17
C PRO A 187 -7.97 -7.64 -46.17
N VAL A 188 -7.34 -6.47 -46.45
CA VAL A 188 -7.46 -5.34 -45.54
C VAL A 188 -8.87 -4.78 -45.62
N LEU A 189 -9.37 -4.55 -46.83
CA LEU A 189 -10.71 -4.02 -47.04
C LEU A 189 -11.78 -4.99 -46.52
N THR A 190 -11.57 -6.30 -46.71
CA THR A 190 -12.48 -7.31 -46.19
C THR A 190 -12.56 -7.24 -44.66
N SER A 191 -11.41 -7.06 -44.01
CA SER A 191 -11.29 -6.99 -42.56
C SER A 191 -11.99 -5.75 -42.01
N TYR A 192 -11.69 -4.60 -42.58
CA TYR A 192 -12.26 -3.34 -42.14
C TYR A 192 -13.78 -3.38 -42.30
N ASN A 193 -14.28 -4.14 -43.28
CA ASN A 193 -15.72 -4.26 -43.53
C ASN A 193 -16.39 -5.26 -42.59
N SER A 194 -15.63 -5.85 -41.67
CA SER A 194 -16.11 -6.97 -40.86
C SER A 194 -15.63 -6.87 -39.40
N TYR A 195 -15.38 -5.66 -38.89
CA TYR A 195 -14.46 -5.48 -37.77
C TYR A 195 -14.97 -6.01 -36.43
N THR A 196 -16.29 -6.00 -36.24
CA THR A 196 -16.94 -6.35 -34.98
C THR A 196 -16.59 -7.76 -34.50
N THR A 197 -16.72 -8.76 -35.37
CA THR A 197 -16.38 -10.15 -35.03
C THR A 197 -14.89 -10.43 -35.18
N GLN A 198 -14.24 -9.70 -36.10
CA GLN A 198 -12.81 -9.79 -36.38
C GLN A 198 -11.97 -9.47 -35.14
N ALA A 199 -12.29 -8.38 -34.43
CA ALA A 199 -11.51 -7.91 -33.28
C ALA A 199 -11.57 -8.90 -32.11
N ASN A 200 -12.76 -9.42 -31.84
CA ASN A 200 -13.03 -10.36 -30.75
C ASN A 200 -12.39 -11.73 -30.99
N THR A 201 -12.58 -12.32 -32.18
CA THR A 201 -12.13 -13.67 -32.49
C THR A 201 -10.63 -13.77 -32.76
N ASN A 202 -10.06 -12.78 -33.45
CA ASN A 202 -8.71 -12.89 -34.00
C ASN A 202 -7.71 -11.93 -33.36
N MET A 203 -8.09 -11.22 -32.28
CA MET A 203 -7.26 -10.21 -31.62
C MET A 203 -6.73 -9.15 -32.59
N GLN A 204 -7.54 -8.75 -33.58
CA GLN A 204 -7.08 -7.88 -34.64
C GLN A 204 -7.25 -6.41 -34.29
N GLU A 205 -6.29 -5.59 -34.75
CA GLU A 205 -6.25 -4.16 -34.56
C GLU A 205 -6.00 -3.47 -35.90
N GLY A 206 -6.69 -2.34 -36.17
CA GLY A 206 -6.53 -1.60 -37.42
C GLY A 206 -5.77 -0.29 -37.22
N VAL A 207 -4.77 0.00 -38.07
CA VAL A 207 -3.95 1.20 -37.92
C VAL A 207 -3.73 1.87 -39.28
N VAL A 208 -3.79 3.21 -39.30
CA VAL A 208 -3.77 4.02 -40.50
C VAL A 208 -2.84 5.20 -40.30
N SER A 209 -2.18 5.64 -41.38
CA SER A 209 -1.30 6.81 -41.38
C SER A 209 -1.23 7.42 -42.77
N GLY A 210 -0.71 8.66 -42.86
CA GLY A 210 -0.58 9.35 -44.14
C GLY A 210 0.74 10.10 -44.32
N THR A 211 1.02 10.47 -45.58
CA THR A 211 2.17 11.28 -45.94
C THR A 211 1.89 12.08 -47.22
N LEU A 212 2.64 13.16 -47.41
CA LEU A 212 2.48 14.04 -48.55
C LEU A 212 3.78 14.03 -49.36
N THR A 213 3.71 13.57 -50.61
CA THR A 213 4.86 13.48 -51.51
C THR A 213 5.30 14.88 -51.92
N SER A 214 6.57 15.24 -51.63
CA SER A 214 6.96 16.64 -51.57
C SER A 214 6.90 17.34 -52.94
N PHE A 215 6.35 18.57 -52.94
CA PHE A 215 6.10 19.38 -54.13
C PHE A 215 6.20 20.86 -53.80
N THR A 216 6.31 21.70 -54.85
CA THR A 216 6.32 23.15 -54.74
C THR A 216 5.07 23.74 -55.42
N LEU A 217 4.43 24.69 -54.74
CA LEU A 217 3.28 25.42 -55.26
C LEU A 217 3.34 26.89 -54.83
N GLY A 218 3.16 27.80 -55.81
CA GLY A 218 3.01 29.23 -55.60
C GLY A 218 4.20 29.89 -54.87
N GLY A 219 5.35 29.22 -54.89
CA GLY A 219 6.57 29.72 -54.26
C GLY A 219 6.74 29.29 -52.80
N GLN A 220 5.96 28.28 -52.38
CA GLN A 220 6.15 27.57 -51.12
C GLN A 220 6.22 26.07 -51.38
N SER A 221 6.87 25.33 -50.45
CA SER A 221 7.10 23.89 -50.58
C SER A 221 6.51 23.11 -49.39
N PHE A 222 6.07 21.87 -49.68
CA PHE A 222 5.25 21.08 -48.79
C PHE A 222 5.92 19.73 -48.55
N SER A 223 5.89 19.26 -47.29
CA SER A 223 6.56 18.02 -46.87
C SER A 223 6.00 17.52 -45.54
N GLY A 224 5.81 16.19 -45.39
CA GLY A 224 5.55 15.65 -44.06
C GLY A 224 4.93 14.26 -43.99
N SER A 225 4.81 13.79 -42.74
CA SER A 225 4.27 12.49 -42.39
C SER A 225 3.46 12.62 -41.11
N THR A 226 2.29 11.95 -41.06
CA THR A 226 1.37 12.06 -39.93
C THR A 226 1.81 11.16 -38.77
N VAL A 227 1.28 11.45 -37.57
CA VAL A 227 1.20 10.42 -36.55
C VAL A 227 0.27 9.30 -37.05
N PRO A 228 0.46 8.02 -36.66
CA PRO A 228 -0.51 6.97 -36.94
C PRO A 228 -1.73 7.03 -36.01
N VAL A 229 -2.87 6.50 -36.45
CA VAL A 229 -4.08 6.45 -35.66
C VAL A 229 -4.67 5.03 -35.64
N ILE A 230 -5.31 4.64 -34.51
CA ILE A 230 -5.90 3.32 -34.36
C ILE A 230 -7.40 3.39 -34.61
N LEU A 231 -7.92 2.62 -35.56
CA LEU A 231 -9.33 2.70 -35.87
C LEU A 231 -10.17 1.86 -34.90
N TYR A 232 -9.76 0.62 -34.65
CA TYR A 232 -10.45 -0.28 -33.75
C TYR A 232 -9.41 -1.21 -33.11
N ALA A 233 -9.69 -1.67 -31.89
CA ALA A 233 -8.84 -2.62 -31.17
C ALA A 233 -9.66 -3.26 -30.09
N PRO A 234 -9.40 -4.52 -29.67
CA PRO A 234 -10.18 -5.16 -28.63
C PRO A 234 -9.80 -4.62 -27.25
N PHE A 235 -10.64 -4.89 -26.24
CA PHE A 235 -10.35 -4.45 -24.88
C PHE A 235 -9.36 -5.41 -24.25
N ILE A 236 -8.08 -5.00 -24.15
CA ILE A 236 -7.04 -5.86 -23.60
C ILE A 236 -6.12 -5.12 -22.63
N PHE A 237 -5.46 -5.88 -21.73
CA PHE A 237 -4.26 -5.42 -21.07
C PHE A 237 -3.15 -5.34 -22.12
N SER A 238 -2.39 -4.23 -22.11
CA SER A 238 -1.31 -4.03 -23.08
C SER A 238 -0.17 -4.98 -22.76
N ASN A 239 0.43 -5.59 -23.80
CA ASN A 239 1.49 -6.57 -23.60
C ASN A 239 2.79 -6.19 -24.32
N SER A 240 3.02 -4.89 -24.61
CA SER A 240 4.32 -4.42 -25.05
C SER A 240 4.69 -3.07 -24.42
N PRO A 241 5.91 -2.88 -23.84
CA PRO A 241 6.94 -3.91 -23.68
C PRO A 241 6.73 -4.88 -22.51
N TYR A 242 5.81 -4.53 -21.62
CA TYR A 242 5.56 -5.31 -20.41
C TYR A 242 4.67 -6.50 -20.72
N GLN A 243 5.27 -7.68 -20.80
CA GLN A 243 4.58 -8.85 -21.34
C GLN A 243 3.47 -9.35 -20.42
N ALA A 244 3.53 -9.03 -19.12
CA ALA A 244 2.57 -9.56 -18.16
C ALA A 244 1.35 -8.64 -18.00
N GLY A 245 1.41 -7.43 -18.54
CA GLY A 245 0.30 -6.49 -18.46
C GLY A 245 0.36 -5.56 -17.24
N LEU A 246 1.24 -5.88 -16.26
CA LEU A 246 1.45 -5.06 -15.08
C LEU A 246 2.95 -4.93 -14.81
N TYR A 247 3.34 -3.88 -14.07
CA TYR A 247 4.74 -3.68 -13.77
C TYR A 247 4.93 -2.87 -12.49
N ASN A 248 6.12 -3.03 -11.90
CA ASN A 248 6.55 -2.32 -10.70
C ASN A 248 7.72 -1.43 -11.09
N PRO A 249 7.59 -0.07 -11.05
CA PRO A 249 8.67 0.82 -11.47
C PRO A 249 10.02 0.56 -10.79
N MET A 250 9.99 0.22 -9.51
CA MET A 250 11.15 0.04 -8.67
C MET A 250 11.97 -1.19 -9.06
N GLN A 251 11.39 -2.13 -9.81
CA GLN A 251 12.04 -3.37 -10.25
C GLN A 251 12.62 -3.18 -11.65
N VAL A 252 12.00 -2.31 -12.47
CA VAL A 252 12.42 -1.95 -13.83
C VAL A 252 13.69 -1.11 -13.77
N ASN A 253 13.68 -0.05 -12.95
CA ASN A 253 14.92 0.54 -12.46
C ASN A 253 15.63 -0.53 -11.63
N GLY A 254 16.95 -0.45 -11.46
CA GLY A 254 17.68 -1.62 -10.97
C GLY A 254 17.67 -1.89 -9.46
N ASN A 255 16.64 -1.42 -8.71
CA ASN A 255 16.80 -1.23 -7.27
C ASN A 255 16.60 -2.47 -6.39
N LEU A 256 16.17 -3.62 -6.94
CA LEU A 256 15.86 -4.79 -6.12
C LEU A 256 16.84 -5.96 -6.30
N GLY A 257 18.05 -5.73 -6.83
CA GLY A 257 19.00 -6.84 -6.94
C GLY A 257 18.66 -7.81 -8.07
N SER A 258 18.68 -9.11 -7.77
CA SER A 258 18.50 -10.18 -8.75
C SER A 258 17.21 -10.02 -9.56
N LEU A 259 16.19 -9.49 -8.87
CA LEU A 259 14.82 -9.38 -9.37
C LEU A 259 14.70 -8.42 -10.56
N SER A 260 15.77 -7.65 -10.85
CA SER A 260 15.72 -6.69 -11.93
C SER A 260 16.05 -7.31 -13.30
N SER A 261 16.47 -8.58 -13.31
CA SER A 261 16.76 -9.35 -14.52
C SER A 261 15.50 -9.73 -15.32
N GLU A 262 14.31 -9.57 -14.74
CA GLU A 262 13.10 -10.25 -15.20
C GLU A 262 11.85 -9.36 -15.14
N ALA A 263 12.06 -8.04 -15.01
CA ALA A 263 11.02 -7.06 -14.73
C ALA A 263 9.98 -6.95 -15.84
N TYR A 264 10.25 -7.50 -17.04
CA TYR A 264 9.33 -7.39 -18.16
C TYR A 264 8.39 -8.57 -18.32
N TYR A 265 8.59 -9.66 -17.55
CA TYR A 265 7.75 -10.83 -17.66
C TYR A 265 7.42 -11.51 -16.33
N HIS A 266 7.95 -11.00 -15.20
CA HIS A 266 7.72 -11.56 -13.88
C HIS A 266 7.67 -10.44 -12.84
N PRO A 267 6.58 -9.64 -12.80
CA PRO A 267 6.47 -8.54 -11.84
C PRO A 267 6.30 -9.06 -10.42
N VAL A 268 6.96 -8.42 -9.44
CA VAL A 268 6.74 -8.73 -8.03
C VAL A 268 6.25 -7.52 -7.26
N ILE A 269 5.30 -7.69 -6.33
CA ILE A 269 4.90 -6.61 -5.44
C ILE A 269 4.53 -7.13 -4.04
N TRP A 270 4.73 -6.26 -3.02
CA TRP A 270 4.40 -6.49 -1.61
C TRP A 270 2.91 -6.22 -1.31
N GLY A 271 2.49 -6.49 -0.07
CA GLY A 271 1.11 -6.79 0.21
C GLY A 271 0.09 -5.67 -0.01
N ARG A 272 0.44 -4.42 0.36
CA ARG A 272 -0.59 -3.39 0.45
C ARG A 272 -0.41 -2.26 -0.58
N ALA A 273 0.45 -2.47 -1.58
CA ALA A 273 0.94 -1.41 -2.45
C ALA A 273 0.19 -1.40 -3.78
N LEU A 274 0.46 -0.37 -4.60
CA LEU A 274 -0.13 -0.21 -5.92
C LEU A 274 0.83 -0.72 -7.00
N ILE A 275 0.31 -1.51 -7.96
CA ILE A 275 1.04 -1.95 -9.13
C ILE A 275 0.45 -1.31 -10.40
N ASN A 276 1.31 -0.81 -11.30
CA ASN A 276 0.90 -0.03 -12.47
C ASN A 276 0.47 -0.94 -13.62
N THR A 277 -0.46 -0.44 -14.47
CA THR A 277 -1.00 -1.19 -15.61
C THR A 277 -1.57 -0.25 -16.68
N THR A 278 -1.62 -0.73 -17.94
CA THR A 278 -2.21 0.02 -19.05
C THR A 278 -3.19 -0.85 -19.84
N LEU A 279 -4.39 -0.32 -20.08
CA LEU A 279 -5.41 -0.96 -20.89
C LEU A 279 -5.59 -0.21 -22.20
N ILE A 280 -5.92 -0.96 -23.27
CA ILE A 280 -6.30 -0.40 -24.56
C ILE A 280 -7.83 -0.41 -24.64
N ASP A 281 -8.44 0.75 -24.92
CA ASP A 281 -9.89 0.81 -25.01
C ASP A 281 -10.34 1.83 -26.06
N THR A 282 -10.96 1.32 -27.13
CA THR A 282 -11.42 2.13 -28.24
C THR A 282 -12.93 2.36 -28.20
N TYR A 283 -13.64 1.73 -27.27
CA TYR A 283 -15.06 1.97 -27.09
C TYR A 283 -15.29 3.22 -26.24
N ALA A 284 -14.38 3.48 -25.29
CA ALA A 284 -14.49 4.56 -24.32
C ALA A 284 -14.42 5.96 -24.96
N SER A 285 -15.10 6.91 -24.30
CA SER A 285 -14.87 8.33 -24.44
C SER A 285 -14.82 8.98 -23.05
N GLY A 286 -13.84 9.87 -22.84
CA GLY A 286 -13.69 10.56 -21.56
C GLY A 286 -13.30 9.62 -20.42
N SER A 287 -13.78 9.93 -19.20
CA SER A 287 -13.49 9.17 -17.99
C SER A 287 -14.29 7.87 -17.94
N VAL A 288 -13.69 6.79 -17.39
CA VAL A 288 -14.37 5.51 -17.27
C VAL A 288 -14.11 4.88 -15.89
N PRO A 289 -15.16 4.42 -15.17
CA PRO A 289 -14.99 3.52 -14.04
C PRO A 289 -14.65 2.10 -14.49
N PHE A 290 -13.54 1.57 -13.96
CA PHE A 290 -13.13 0.21 -14.22
C PHE A 290 -13.24 -0.63 -12.95
N THR A 291 -13.87 -1.81 -13.05
CA THR A 291 -13.89 -2.77 -11.96
C THR A 291 -13.00 -3.96 -12.31
N PHE A 292 -12.29 -4.53 -11.30
CA PHE A 292 -11.31 -5.58 -11.53
C PHE A 292 -11.55 -6.75 -10.59
N GLN A 293 -11.16 -7.96 -11.03
CA GLN A 293 -11.31 -9.17 -10.24
C GLN A 293 -9.97 -9.87 -10.12
N LEU A 294 -9.57 -10.20 -8.87
CA LEU A 294 -8.26 -10.76 -8.60
C LEU A 294 -8.40 -12.14 -7.97
N ASN A 295 -7.76 -13.17 -8.57
CA ASN A 295 -7.79 -14.52 -8.06
C ASN A 295 -6.40 -14.91 -7.54
N TYR A 296 -6.31 -15.43 -6.29
CA TYR A 296 -5.03 -15.71 -5.63
C TYR A 296 -4.81 -17.22 -5.54
N SER A 297 -3.58 -17.72 -5.77
CA SER A 297 -3.35 -19.16 -5.71
C SER A 297 -1.96 -19.52 -5.21
N VAL A 298 -1.86 -20.65 -4.50
CA VAL A 298 -0.63 -21.16 -3.91
C VAL A 298 -0.39 -22.60 -4.32
N PRO A 299 0.85 -23.01 -4.71
CA PRO A 299 1.11 -24.40 -5.10
C PRO A 299 0.98 -25.40 -3.94
N GLY A 300 0.13 -26.41 -4.13
CA GLY A 300 -0.08 -27.47 -3.14
C GLY A 300 -0.94 -27.03 -1.94
N PRO A 301 -1.34 -27.98 -1.06
CA PRO A 301 -2.26 -27.68 0.04
C PRO A 301 -1.60 -27.02 1.24
N LEU A 302 -2.44 -26.38 2.07
CA LEU A 302 -2.03 -25.65 3.26
C LEU A 302 -2.63 -26.31 4.50
N THR A 303 -2.00 -26.12 5.67
CA THR A 303 -2.52 -26.64 6.93
C THR A 303 -3.23 -25.52 7.69
N ILE A 304 -4.51 -25.74 8.00
CA ILE A 304 -5.40 -24.71 8.52
C ILE A 304 -5.81 -25.08 9.95
N ASN A 305 -5.90 -24.05 10.81
CA ASN A 305 -6.22 -24.22 12.22
C ASN A 305 -7.58 -23.60 12.54
N MET A 306 -8.52 -24.41 13.08
CA MET A 306 -9.91 -24.03 13.20
C MET A 306 -10.44 -24.33 14.60
N ALA A 307 -11.19 -23.38 15.19
CA ALA A 307 -11.73 -23.45 16.54
C ALA A 307 -13.24 -23.67 16.51
N GLN A 308 -13.78 -24.41 17.48
CA GLN A 308 -15.21 -24.70 17.51
C GLN A 308 -15.97 -23.56 18.16
N LEU A 309 -16.92 -22.95 17.42
CA LEU A 309 -17.75 -21.86 17.94
C LEU A 309 -18.97 -22.44 18.65
N ALA A 310 -19.65 -23.43 18.05
CA ALA A 310 -20.83 -24.00 18.70
C ALA A 310 -21.00 -25.48 18.38
N TRP A 311 -21.74 -26.18 19.25
CA TRP A 311 -22.03 -27.60 19.10
C TRP A 311 -23.54 -27.83 19.21
N ILE A 312 -24.12 -28.46 18.17
CA ILE A 312 -25.56 -28.60 18.03
C ILE A 312 -25.91 -30.09 17.98
N ALA A 313 -26.88 -30.52 18.80
CA ALA A 313 -27.23 -31.94 18.84
C ALA A 313 -28.64 -32.22 19.36
N SER A 314 -29.20 -33.36 18.94
CA SER A 314 -30.38 -33.93 19.58
C SER A 314 -30.00 -34.41 20.98
N ILE A 315 -30.97 -34.36 21.91
CA ILE A 315 -30.74 -34.64 23.33
C ILE A 315 -30.29 -36.08 23.57
N ASN A 316 -30.47 -36.98 22.59
CA ASN A 316 -30.02 -38.37 22.68
C ASN A 316 -28.51 -38.50 22.41
N ASN A 317 -27.91 -37.56 21.68
CA ASN A 317 -26.52 -37.63 21.25
C ASN A 317 -25.53 -36.98 22.21
N LEU A 318 -25.98 -36.05 23.07
CA LEU A 318 -25.12 -35.46 24.11
C LEU A 318 -24.77 -36.53 25.14
N PRO A 319 -23.52 -36.55 25.66
CA PRO A 319 -23.11 -37.52 26.68
C PRO A 319 -23.81 -37.26 28.01
N THR A 320 -23.89 -38.30 28.85
CA THR A 320 -24.71 -38.28 30.04
C THR A 320 -24.22 -37.23 31.03
N SER A 321 -22.89 -37.15 31.20
CA SER A 321 -22.27 -36.13 32.03
C SER A 321 -21.04 -35.55 31.34
N PHE A 322 -20.89 -34.21 31.39
CA PHE A 322 -19.73 -33.56 30.81
C PHE A 322 -19.43 -32.21 31.46
N THR A 323 -18.20 -31.71 31.24
CA THR A 323 -17.72 -30.47 31.82
C THR A 323 -17.55 -29.42 30.73
N TYR A 324 -18.10 -28.21 30.94
CA TYR A 324 -18.05 -27.17 29.93
C TYR A 324 -18.07 -25.77 30.53
N LEU A 325 -17.30 -24.87 29.91
CA LEU A 325 -17.39 -23.44 30.13
C LEU A 325 -17.09 -22.72 28.81
N SER A 326 -17.94 -21.74 28.46
CA SER A 326 -17.91 -21.09 27.15
C SER A 326 -16.69 -20.20 26.96
N TYR A 327 -16.04 -20.33 25.81
CA TYR A 327 -14.92 -19.49 25.40
C TYR A 327 -15.44 -18.15 24.90
N LYS A 328 -14.63 -17.09 25.10
CA LYS A 328 -14.97 -15.75 24.63
C LYS A 328 -13.96 -15.28 23.58
N PHE A 329 -14.46 -15.01 22.36
CA PHE A 329 -13.67 -14.72 21.18
C PHE A 329 -13.26 -13.25 21.11
N SER A 330 -12.41 -12.94 20.11
CA SER A 330 -11.75 -11.65 19.91
C SER A 330 -12.74 -10.49 19.80
N ASN A 331 -13.93 -10.75 19.24
CA ASN A 331 -14.96 -9.73 19.02
C ASN A 331 -16.01 -9.67 20.14
N GLY A 332 -15.90 -10.54 21.14
CA GLY A 332 -16.79 -10.55 22.28
C GLY A 332 -17.80 -11.68 22.25
N TYR A 333 -17.94 -12.37 21.12
CA TYR A 333 -18.93 -13.43 20.97
C TYR A 333 -18.54 -14.64 21.81
N GLU A 334 -19.55 -15.44 22.24
CA GLU A 334 -19.29 -16.61 23.07
C GLU A 334 -19.74 -17.92 22.41
N SER A 335 -19.03 -19.01 22.74
CA SER A 335 -19.42 -20.33 22.28
C SER A 335 -20.73 -20.79 22.93
N PHE A 336 -21.52 -21.56 22.18
CA PHE A 336 -22.83 -21.97 22.69
C PHE A 336 -23.13 -23.42 22.39
N LEU A 337 -24.09 -23.94 23.15
CA LEU A 337 -24.50 -25.33 23.10
C LEU A 337 -25.98 -25.39 22.72
N GLY A 338 -26.28 -26.20 21.70
CA GLY A 338 -27.60 -26.16 21.09
C GLY A 338 -28.30 -27.51 21.20
N ILE A 339 -29.37 -27.57 22.00
CA ILE A 339 -30.11 -28.80 22.23
C ILE A 339 -31.40 -28.77 21.41
N ILE A 340 -31.69 -29.89 20.71
CA ILE A 340 -32.96 -30.07 20.01
C ILE A 340 -33.76 -31.13 20.77
N SER A 341 -35.08 -30.91 20.93
CA SER A 341 -35.95 -31.79 21.70
C SER A 341 -37.40 -31.66 21.28
N ASN A 342 -38.20 -32.66 21.65
CA ASN A 342 -39.62 -32.71 21.38
C ASN A 342 -40.40 -31.96 22.48
N SER A 343 -39.83 -31.85 23.68
CA SER A 343 -40.48 -31.21 24.82
C SER A 343 -40.55 -29.68 24.68
N THR A 344 -41.71 -29.12 25.07
CA THR A 344 -42.03 -27.70 24.94
C THR A 344 -41.24 -26.81 25.91
N GLN A 345 -40.62 -27.39 26.94
CA GLN A 345 -39.64 -26.71 27.79
C GLN A 345 -38.49 -27.66 28.10
N LEU A 346 -37.34 -27.12 28.50
CA LEU A 346 -36.36 -27.89 29.24
C LEU A 346 -36.54 -27.56 30.71
N THR A 347 -36.47 -28.59 31.57
CA THR A 347 -36.70 -28.41 32.99
C THR A 347 -35.45 -28.78 33.79
N ALA A 348 -35.20 -27.97 34.83
CA ALA A 348 -33.97 -28.00 35.60
C ALA A 348 -34.25 -27.69 37.07
N GLY A 349 -35.31 -28.29 37.63
CA GLY A 349 -35.81 -27.93 38.95
C GLY A 349 -36.62 -26.64 38.91
N ALA A 350 -36.28 -25.67 39.76
CA ALA A 350 -36.96 -24.39 39.90
C ALA A 350 -36.85 -23.51 38.65
N LEU A 351 -35.80 -23.72 37.84
CA LEU A 351 -35.59 -23.03 36.58
C LEU A 351 -36.19 -23.83 35.42
N THR A 352 -36.87 -23.12 34.51
CA THR A 352 -37.28 -23.68 33.22
C THR A 352 -36.82 -22.78 32.09
N ILE A 353 -36.40 -23.42 30.99
CA ILE A 353 -35.90 -22.73 29.82
C ILE A 353 -36.93 -22.84 28.69
N ASN A 354 -37.30 -21.67 28.15
CA ASN A 354 -38.20 -21.56 27.02
C ASN A 354 -37.41 -21.64 25.72
N PRO A 355 -37.94 -22.26 24.64
CA PRO A 355 -37.15 -22.47 23.44
C PRO A 355 -36.93 -21.23 22.61
N SER A 356 -35.76 -21.19 22.00
CA SER A 356 -35.32 -20.10 21.14
C SER A 356 -36.08 -20.11 19.82
N GLY A 357 -36.55 -21.28 19.36
CA GLY A 357 -37.13 -21.39 18.02
C GLY A 357 -37.75 -22.76 17.79
N ASN A 358 -38.48 -22.95 16.68
CA ASN A 358 -39.15 -24.22 16.37
C ASN A 358 -39.03 -24.57 14.90
N PHE A 359 -39.24 -25.86 14.57
CA PHE A 359 -39.38 -26.32 13.20
C PHE A 359 -40.20 -27.59 13.12
N THR A 360 -40.68 -27.93 11.91
CA THR A 360 -41.50 -29.13 11.72
C THR A 360 -41.02 -30.00 10.56
N ILE A 361 -41.06 -31.32 10.75
CA ILE A 361 -40.73 -32.29 9.73
C ILE A 361 -41.91 -33.24 9.55
N ASN A 362 -42.57 -33.19 8.38
CA ASN A 362 -43.70 -34.04 8.03
C ASN A 362 -44.72 -34.16 9.16
N GLY A 363 -45.10 -33.03 9.77
CA GLY A 363 -46.15 -33.04 10.79
C GLY A 363 -45.67 -33.23 12.23
N LYS A 364 -44.40 -33.66 12.43
CA LYS A 364 -43.78 -33.70 13.75
C LYS A 364 -43.13 -32.35 14.06
N LYS A 365 -43.17 -31.92 15.33
CA LYS A 365 -42.75 -30.58 15.73
C LYS A 365 -41.62 -30.62 16.76
N PHE A 366 -40.52 -29.87 16.51
CA PHE A 366 -39.32 -29.92 17.32
C PHE A 366 -38.88 -28.51 17.72
N TYR A 367 -38.19 -28.38 18.86
CA TYR A 367 -37.82 -27.10 19.44
C TYR A 367 -36.31 -27.01 19.64
N VAL A 368 -35.76 -25.80 19.49
CA VAL A 368 -34.33 -25.56 19.57
C VAL A 368 -34.03 -24.64 20.75
N TYR A 369 -33.11 -25.06 21.64
CA TYR A 369 -32.71 -24.33 22.83
C TYR A 369 -31.23 -23.99 22.69
N LEU A 370 -30.88 -22.71 22.75
CA LEU A 370 -29.49 -22.30 22.62
C LEU A 370 -28.98 -21.69 23.92
N LEU A 371 -27.88 -22.25 24.47
CA LEU A 371 -27.40 -21.94 25.81
C LEU A 371 -25.92 -21.56 25.82
N VAL A 372 -25.56 -20.56 26.64
CA VAL A 372 -24.19 -20.26 27.02
C VAL A 372 -23.97 -20.69 28.47
N VAL A 373 -22.93 -21.49 28.74
CA VAL A 373 -22.60 -21.88 30.11
C VAL A 373 -21.55 -20.91 30.65
N GLY A 374 -21.88 -20.26 31.77
CA GLY A 374 -21.06 -19.20 32.33
C GLY A 374 -21.36 -18.89 33.80
N SER A 375 -21.70 -17.61 34.07
CA SER A 375 -21.63 -16.98 35.38
C SER A 375 -22.92 -17.14 36.20
N THR A 376 -24.09 -16.83 35.60
CA THR A 376 -25.35 -16.75 36.33
C THR A 376 -26.58 -16.95 35.44
N ASN A 377 -27.58 -17.67 35.96
CA ASN A 377 -28.81 -17.95 35.24
C ASN A 377 -29.53 -16.65 34.90
N SER A 378 -29.78 -16.42 33.60
CA SER A 378 -30.25 -15.14 33.07
C SER A 378 -31.46 -15.32 32.15
N THR A 379 -32.41 -14.37 32.23
CA THR A 379 -33.69 -14.46 31.53
C THR A 379 -33.76 -13.61 30.27
N THR A 380 -32.78 -12.70 30.07
CA THR A 380 -32.68 -11.87 28.88
C THR A 380 -31.66 -12.45 27.89
N PRO A 381 -31.74 -12.16 26.56
CA PRO A 381 -30.73 -12.60 25.61
C PRO A 381 -29.32 -12.08 25.88
N VAL A 382 -28.35 -12.99 25.66
CA VAL A 382 -26.92 -12.73 25.79
C VAL A 382 -26.41 -12.26 24.43
N GLU A 383 -26.81 -12.97 23.37
CA GLU A 383 -26.48 -12.71 21.96
C GLU A 383 -27.49 -13.41 21.05
N TYR A 384 -27.28 -13.36 19.72
CA TYR A 384 -28.27 -13.84 18.78
C TYR A 384 -27.67 -14.64 17.61
N VAL A 385 -28.51 -15.48 16.98
CA VAL A 385 -28.22 -16.14 15.71
C VAL A 385 -29.41 -15.89 14.76
N THR A 386 -29.14 -15.53 13.48
CA THR A 386 -30.08 -14.73 12.70
C THR A 386 -30.77 -15.50 11.58
N LYS A 387 -30.11 -16.52 11.01
CA LYS A 387 -30.80 -17.57 10.28
C LYS A 387 -30.00 -18.85 10.47
N LEU A 388 -30.68 -19.99 10.45
CA LEU A 388 -30.04 -21.24 10.81
C LEU A 388 -30.77 -22.38 10.11
N VAL A 389 -30.03 -23.12 9.25
CA VAL A 389 -30.65 -24.13 8.41
C VAL A 389 -30.33 -25.51 8.95
N VAL A 390 -31.40 -26.29 9.19
CA VAL A 390 -31.27 -27.70 9.54
C VAL A 390 -31.67 -28.55 8.35
N GLU A 391 -30.83 -29.55 8.01
CA GLU A 391 -31.02 -30.39 6.84
C GLU A 391 -31.40 -31.80 7.28
N TYR A 392 -32.29 -32.46 6.53
CA TYR A 392 -32.71 -33.83 6.83
C TYR A 392 -33.01 -34.63 5.56
N PRO A 393 -32.82 -35.97 5.53
CA PRO A 393 -33.26 -36.77 4.38
C PRO A 393 -34.79 -36.83 4.24
N SER A 394 -35.28 -36.55 3.03
CA SER A 394 -36.69 -36.62 2.68
C SER A 394 -37.20 -38.04 2.82
N SER A 395 -38.41 -38.19 3.38
CA SER A 395 -38.98 -39.50 3.67
C SER A 395 -39.23 -40.34 2.41
N THR A 396 -39.61 -39.68 1.31
CA THR A 396 -39.91 -40.32 0.04
C THR A 396 -38.65 -40.86 -0.64
N ASN A 397 -37.64 -40.00 -0.87
CA ASN A 397 -36.60 -40.28 -1.84
C ASN A 397 -35.15 -40.26 -1.28
N PHE A 398 -34.98 -39.97 0.02
CA PHE A 398 -33.69 -39.79 0.69
C PHE A 398 -32.82 -38.69 0.08
N LEU A 399 -33.41 -37.75 -0.68
CA LEU A 399 -32.68 -36.56 -1.14
C LEU A 399 -32.61 -35.53 -0.01
N PRO A 400 -31.61 -34.62 0.02
CA PRO A 400 -31.58 -33.57 1.03
C PRO A 400 -32.69 -32.52 0.90
N GLN A 401 -33.23 -32.09 2.05
CA GLN A 401 -34.17 -30.98 2.17
C GLN A 401 -33.84 -30.17 3.41
N GLY A 402 -34.19 -28.87 3.42
CA GLY A 402 -33.85 -27.99 4.54
C GLY A 402 -34.99 -27.10 5.03
N VAL A 403 -34.95 -26.73 6.32
CA VAL A 403 -35.86 -25.74 6.89
C VAL A 403 -35.09 -24.72 7.71
N THR A 404 -35.60 -23.47 7.73
CA THR A 404 -34.99 -22.44 8.55
C THR A 404 -35.78 -22.29 9.85
N VAL A 405 -35.06 -22.32 10.98
CA VAL A 405 -35.69 -22.31 12.28
C VAL A 405 -36.20 -20.89 12.55
N THR A 406 -37.46 -20.74 13.00
CA THR A 406 -38.01 -19.42 13.29
C THR A 406 -38.50 -19.32 14.73
N THR A 407 -38.68 -18.09 15.23
CA THR A 407 -39.20 -17.86 16.59
C THR A 407 -40.68 -18.21 16.64
N SER A 408 -41.25 -18.28 17.85
CA SER A 408 -42.65 -18.67 18.04
C SER A 408 -43.66 -17.68 17.46
N SER A 409 -43.19 -16.51 16.98
CA SER A 409 -43.99 -15.53 16.25
C SER A 409 -43.43 -15.25 14.84
N ASN A 410 -42.62 -16.17 14.33
CA ASN A 410 -42.17 -16.28 12.95
C ASN A 410 -41.11 -15.27 12.51
N LYS A 411 -40.57 -14.45 13.40
CA LYS A 411 -39.38 -13.66 13.09
C LYS A 411 -38.15 -14.59 13.05
N TYR A 412 -37.10 -14.24 12.29
CA TYR A 412 -35.96 -15.14 12.13
C TYR A 412 -34.90 -15.06 13.21
N THR A 413 -34.64 -13.89 13.83
CA THR A 413 -33.56 -13.81 14.81
C THR A 413 -33.93 -14.55 16.10
N LEU A 414 -33.08 -15.53 16.49
CA LEU A 414 -33.27 -16.38 17.66
C LEU A 414 -32.37 -15.90 18.80
N PRO A 415 -32.87 -15.78 20.04
CA PRO A 415 -32.02 -15.42 21.18
C PRO A 415 -31.33 -16.58 21.89
N VAL A 416 -30.17 -16.27 22.49
CA VAL A 416 -29.34 -17.22 23.22
C VAL A 416 -29.35 -16.85 24.70
N TYR A 417 -29.55 -17.84 25.61
CA TYR A 417 -29.68 -17.63 27.06
C TYR A 417 -28.45 -18.08 27.82
N GLU A 418 -28.27 -17.62 29.06
CA GLU A 418 -27.15 -18.06 29.90
C GLU A 418 -27.63 -18.90 31.08
N ILE A 419 -26.98 -20.06 31.29
CA ILE A 419 -27.09 -20.81 32.53
C ILE A 419 -25.71 -20.94 33.16
N GLY A 420 -25.65 -21.14 34.48
CA GLY A 420 -24.35 -21.33 35.13
C GLY A 420 -24.34 -21.08 36.64
N GLY A 421 -23.13 -20.88 37.17
CA GLY A 421 -22.90 -20.70 38.59
C GLY A 421 -21.41 -20.77 38.93
N PRO A 422 -21.04 -20.85 40.24
CA PRO A 422 -19.65 -21.08 40.62
C PRO A 422 -19.11 -22.40 40.06
N ALA A 423 -17.80 -22.45 39.77
CA ALA A 423 -17.18 -23.63 39.19
C ALA A 423 -17.48 -24.87 40.03
N GLY A 424 -17.75 -26.01 39.37
CA GLY A 424 -18.06 -27.25 40.05
C GLY A 424 -19.53 -27.40 40.43
N THR A 425 -20.35 -26.36 40.22
CA THR A 425 -21.81 -26.46 40.28
C THR A 425 -22.30 -27.32 39.11
N THR A 426 -23.31 -28.19 39.35
CA THR A 426 -23.84 -29.04 38.29
C THR A 426 -25.33 -28.78 38.05
N ILE A 427 -25.71 -28.79 36.76
CA ILE A 427 -27.06 -28.52 36.32
C ILE A 427 -27.56 -29.73 35.54
N THR A 428 -28.71 -30.29 35.95
CA THR A 428 -29.36 -31.33 35.18
C THR A 428 -30.49 -30.71 34.34
N LEU A 429 -30.45 -30.97 33.02
CA LEU A 429 -31.51 -30.57 32.10
C LEU A 429 -32.25 -31.84 31.69
N THR A 430 -33.58 -31.83 31.75
CA THR A 430 -34.39 -32.96 31.32
C THR A 430 -35.20 -32.60 30.08
N GLY A 431 -35.23 -33.51 29.10
CA GLY A 431 -35.98 -33.32 27.86
C GLY A 431 -36.46 -34.65 27.28
N ASN A 432 -37.08 -34.63 26.09
CA ASN A 432 -37.52 -35.85 25.47
C ASN A 432 -36.99 -35.93 24.04
N TRP A 433 -36.56 -37.14 23.61
CA TRP A 433 -36.42 -37.43 22.19
C TRP A 433 -37.41 -38.51 21.81
N TYR A 434 -38.33 -38.19 20.88
CA TYR A 434 -39.48 -39.03 20.58
C TYR A 434 -40.21 -39.37 21.88
N SER A 435 -40.33 -40.66 22.21
CA SER A 435 -41.11 -41.12 23.33
C SER A 435 -40.33 -41.17 24.65
N THR A 436 -38.99 -41.07 24.59
CA THR A 436 -38.11 -41.45 25.69
C THR A 436 -37.56 -40.22 26.44
N PRO A 437 -37.62 -40.19 27.79
CA PRO A 437 -37.02 -39.10 28.56
C PRO A 437 -35.51 -39.25 28.69
N TYR A 438 -34.79 -38.14 28.54
CA TYR A 438 -33.35 -38.12 28.66
C TYR A 438 -32.90 -37.00 29.58
N THR A 439 -31.83 -37.28 30.35
CA THR A 439 -31.22 -36.32 31.26
C THR A 439 -29.75 -36.12 30.92
N VAL A 440 -29.31 -34.85 30.98
CA VAL A 440 -27.93 -34.49 30.74
C VAL A 440 -27.45 -33.63 31.90
N GLN A 441 -26.18 -33.84 32.32
CA GLN A 441 -25.67 -33.30 33.57
C GLN A 441 -24.39 -32.50 33.36
N ILE A 442 -24.51 -31.18 33.21
CA ILE A 442 -23.38 -30.31 32.90
C ILE A 442 -22.68 -29.89 34.19
N THR A 443 -21.34 -29.94 34.22
CA THR A 443 -20.53 -29.38 35.29
C THR A 443 -19.86 -28.09 34.80
N VAL A 444 -20.03 -27.00 35.55
CA VAL A 444 -19.50 -25.72 35.14
C VAL A 444 -17.98 -25.74 35.33
N GLY A 445 -17.23 -25.72 34.22
CA GLY A 445 -15.79 -25.82 34.25
C GLY A 445 -15.10 -24.60 34.87
N SER A 446 -13.80 -24.74 35.18
CA SER A 446 -13.01 -23.69 35.82
C SER A 446 -12.24 -22.84 34.79
N THR A 447 -12.03 -23.38 33.59
CA THR A 447 -11.24 -22.76 32.53
C THR A 447 -11.92 -22.99 31.16
N PRO A 448 -11.89 -22.01 30.22
CA PRO A 448 -12.62 -22.15 28.95
C PRO A 448 -12.25 -23.38 28.13
N THR A 449 -13.29 -24.09 27.66
CA THR A 449 -13.15 -25.22 26.77
C THR A 449 -12.91 -24.72 25.35
N LEU A 450 -11.69 -24.94 24.81
CA LEU A 450 -11.38 -24.66 23.42
C LEU A 450 -11.05 -25.97 22.68
N THR A 451 -11.79 -26.25 21.59
CA THR A 451 -11.52 -27.41 20.75
C THR A 451 -10.93 -26.94 19.43
N ASN A 452 -9.72 -27.42 19.09
CA ASN A 452 -9.05 -27.08 17.84
C ASN A 452 -9.04 -28.29 16.91
N TYR A 453 -9.43 -28.08 15.64
CA TYR A 453 -9.29 -29.06 14.59
C TYR A 453 -8.22 -28.59 13.61
N VAL A 454 -7.38 -29.51 13.13
CA VAL A 454 -6.26 -29.15 12.26
C VAL A 454 -6.29 -30.03 11.02
N SER A 455 -6.35 -29.40 9.83
CA SER A 455 -6.66 -30.09 8.59
C SER A 455 -5.83 -29.58 7.40
N GLN A 456 -5.77 -30.38 6.33
CA GLN A 456 -5.11 -29.98 5.10
C GLN A 456 -6.12 -29.75 3.97
N ILE A 457 -6.04 -28.60 3.30
CA ILE A 457 -7.07 -28.11 2.39
C ILE A 457 -6.39 -27.34 1.25
N LEU A 458 -6.98 -27.47 0.04
CA LEU A 458 -6.44 -26.81 -1.14
C LEU A 458 -7.08 -25.43 -1.33
N LEU A 459 -6.62 -24.42 -0.55
CA LEU A 459 -7.26 -23.10 -0.53
C LEU A 459 -6.99 -22.27 -1.79
N LYS A 460 -7.96 -21.40 -2.11
CA LYS A 460 -7.86 -20.28 -3.05
C LYS A 460 -8.80 -19.15 -2.62
N ALA A 461 -8.58 -17.91 -3.10
CA ALA A 461 -9.40 -16.77 -2.72
C ALA A 461 -9.67 -15.81 -3.90
N VAL A 462 -10.80 -15.06 -3.87
CA VAL A 462 -11.12 -14.07 -4.90
C VAL A 462 -11.56 -12.75 -4.28
N ALA A 463 -11.17 -11.62 -4.90
CA ALA A 463 -11.43 -10.29 -4.38
C ALA A 463 -11.70 -9.30 -5.51
N TYR A 464 -12.31 -8.14 -5.17
CA TYR A 464 -12.79 -7.19 -6.17
C TYR A 464 -12.46 -5.75 -5.79
N GLU A 465 -12.26 -4.91 -6.81
CA GLU A 465 -11.67 -3.59 -6.65
C GLU A 465 -12.09 -2.66 -7.79
N GLY A 466 -12.20 -1.34 -7.53
CA GLY A 466 -12.64 -0.39 -8.55
C GLY A 466 -11.90 0.96 -8.47
N ILE A 467 -11.76 1.62 -9.63
CA ILE A 467 -11.11 2.93 -9.75
C ILE A 467 -11.70 3.71 -10.94
N ASN A 468 -11.63 5.05 -10.89
CA ASN A 468 -12.12 5.95 -11.93
C ASN A 468 -10.92 6.53 -12.66
N VAL A 469 -10.83 6.34 -13.99
CA VAL A 469 -9.63 6.61 -14.77
C VAL A 469 -9.93 7.53 -15.94
N SER A 470 -8.99 8.47 -16.21
CA SER A 470 -9.08 9.44 -17.29
C SER A 470 -7.77 9.54 -18.06
N THR A 471 -7.84 10.04 -19.32
CA THR A 471 -6.69 10.02 -20.21
C THR A 471 -6.64 11.23 -21.14
N THR A 472 -5.42 11.55 -21.58
CA THR A 472 -5.16 12.54 -22.62
C THR A 472 -4.59 11.91 -23.90
N GLN A 473 -4.52 10.58 -23.95
CA GLN A 473 -3.90 9.83 -25.05
C GLN A 473 -4.73 8.60 -25.41
N SER A 474 -6.01 8.78 -25.82
CA SER A 474 -6.89 7.67 -26.21
C SER A 474 -6.24 6.88 -27.34
N PRO A 475 -6.36 5.54 -27.42
CA PRO A 475 -7.17 4.73 -26.52
C PRO A 475 -6.49 4.18 -25.26
N TYR A 476 -5.33 4.73 -24.86
CA TYR A 476 -4.61 4.19 -23.72
C TYR A 476 -5.12 4.74 -22.39
N TYR A 477 -5.55 3.84 -21.49
CA TYR A 477 -5.93 4.19 -20.13
C TYR A 477 -4.86 3.62 -19.19
N SER A 478 -4.17 4.49 -18.46
CA SER A 478 -3.10 4.09 -17.56
C SER A 478 -3.47 4.41 -16.12
N THR A 479 -3.09 3.50 -15.20
CA THR A 479 -3.65 3.44 -13.85
C THR A 479 -2.81 2.52 -12.97
N ALA A 480 -3.15 2.45 -11.68
CA ALA A 480 -2.56 1.45 -10.80
C ALA A 480 -3.63 0.85 -9.89
N ILE A 481 -3.47 -0.43 -9.52
CA ILE A 481 -4.43 -1.18 -8.71
C ILE A 481 -3.75 -1.78 -7.48
N LEU A 482 -4.52 -2.04 -6.40
CA LEU A 482 -3.97 -2.59 -5.15
C LEU A 482 -3.57 -4.06 -5.28
N SER A 483 -2.54 -4.42 -4.51
CA SER A 483 -2.04 -5.78 -4.39
C SER A 483 -3.00 -6.62 -3.55
N THR A 484 -3.50 -6.06 -2.42
CA THR A 484 -4.54 -6.66 -1.59
C THR A 484 -5.60 -5.63 -1.20
N PRO A 485 -6.87 -5.75 -1.65
CA PRO A 485 -7.92 -4.79 -1.30
C PRO A 485 -8.60 -5.05 0.04
N PRO A 486 -8.97 -4.00 0.82
CA PRO A 486 -9.75 -4.16 2.04
C PRO A 486 -11.26 -4.34 1.82
N SER A 487 -11.61 -5.30 0.96
CA SER A 487 -13.00 -5.65 0.69
C SER A 487 -13.42 -6.84 1.56
N GLU A 488 -14.61 -7.39 1.34
CA GLU A 488 -14.82 -8.80 1.64
C GLU A 488 -13.92 -9.63 0.71
N ILE A 489 -13.26 -10.66 1.27
CA ILE A 489 -12.53 -11.63 0.47
C ILE A 489 -13.05 -13.00 0.83
N SER A 490 -13.41 -13.80 -0.18
CA SER A 490 -13.89 -15.14 0.07
C SER A 490 -12.73 -16.14 -0.03
N ILE A 491 -12.33 -16.72 1.11
CA ILE A 491 -11.37 -17.82 1.13
C ILE A 491 -12.18 -19.11 1.00
N THR A 492 -11.76 -19.99 0.07
CA THR A 492 -12.56 -21.15 -0.33
C THR A 492 -11.67 -22.37 -0.55
N GLY A 493 -12.22 -23.57 -0.32
CA GLY A 493 -11.47 -24.80 -0.46
C GLY A 493 -12.33 -26.06 -0.29
N SER A 494 -11.80 -27.21 -0.74
CA SER A 494 -12.50 -28.47 -0.74
C SER A 494 -11.86 -29.46 0.22
N SER A 495 -12.70 -30.32 0.82
CA SER A 495 -12.30 -31.33 1.77
C SER A 495 -13.18 -32.57 1.63
N THR A 496 -12.96 -33.57 2.50
CA THR A 496 -13.66 -34.85 2.45
C THR A 496 -14.44 -35.07 3.74
N ILE A 497 -15.65 -35.61 3.61
CA ILE A 497 -16.38 -36.21 4.73
C ILE A 497 -16.50 -37.72 4.50
N THR A 498 -16.47 -38.50 5.59
CA THR A 498 -16.55 -39.96 5.51
C THR A 498 -17.42 -40.48 6.64
N ALA A 499 -18.15 -41.57 6.40
CA ALA A 499 -19.03 -42.17 7.38
C ALA A 499 -18.73 -43.65 7.57
N GLN A 500 -18.93 -44.14 8.79
CA GLN A 500 -18.83 -45.56 9.12
C GLN A 500 -20.10 -45.93 9.87
N GLY A 501 -20.60 -47.15 9.70
CA GLY A 501 -21.88 -47.47 10.31
C GLY A 501 -22.11 -48.96 10.51
N LYS A 502 -22.83 -49.30 11.60
CA LYS A 502 -23.23 -50.65 11.95
C LYS A 502 -24.75 -50.71 11.97
N LEU A 503 -25.31 -51.61 11.14
CA LEU A 503 -26.75 -51.72 10.95
C LEU A 503 -27.23 -53.05 11.50
N THR A 504 -28.46 -53.07 12.05
CA THR A 504 -29.08 -54.25 12.66
C THR A 504 -30.59 -54.25 12.45
N ALA A 505 -31.25 -55.33 12.87
CA ALA A 505 -32.67 -55.57 12.64
C ALA A 505 -33.59 -54.44 13.12
N THR A 506 -33.16 -53.69 14.16
CA THR A 506 -34.02 -52.77 14.88
C THR A 506 -33.41 -51.39 15.10
N SER A 507 -32.09 -51.25 15.01
CA SER A 507 -31.45 -49.96 15.23
C SER A 507 -30.11 -49.86 14.51
N ALA A 508 -29.60 -48.63 14.37
CA ALA A 508 -28.38 -48.35 13.60
C ALA A 508 -27.50 -47.39 14.37
N SER A 509 -26.19 -47.54 14.22
CA SER A 509 -25.21 -46.73 14.92
C SER A 509 -24.15 -46.24 13.93
N ALA A 510 -23.63 -45.00 14.12
CA ALA A 510 -22.75 -44.42 13.12
C ALA A 510 -21.79 -43.39 13.69
N THR A 511 -20.74 -43.11 12.91
CA THR A 511 -19.84 -41.99 13.18
C THR A 511 -19.42 -41.33 11.87
N VAL A 512 -19.09 -40.03 11.91
CA VAL A 512 -18.59 -39.33 10.75
C VAL A 512 -17.34 -38.53 11.11
N ASN A 513 -16.42 -38.39 10.14
CA ASN A 513 -15.26 -37.53 10.26
C ASN A 513 -15.27 -36.44 9.20
N LEU A 514 -14.90 -35.24 9.61
CA LEU A 514 -14.77 -34.08 8.75
C LEU A 514 -13.62 -33.21 9.25
N LEU A 515 -13.04 -32.37 8.37
CA LEU A 515 -12.00 -31.41 8.72
C LEU A 515 -10.84 -32.11 9.46
N THR A 516 -10.39 -33.25 8.90
CA THR A 516 -9.32 -34.12 9.38
C THR A 516 -9.61 -34.82 10.71
N ASN A 517 -9.87 -34.09 11.80
CA ASN A 517 -10.02 -34.71 13.11
C ASN A 517 -11.24 -34.25 13.92
N ALA A 518 -12.21 -33.57 13.29
CA ALA A 518 -13.53 -33.44 13.91
C ALA A 518 -14.28 -34.76 13.79
N THR A 519 -14.89 -35.21 14.89
CA THR A 519 -15.61 -36.49 14.94
C THR A 519 -16.99 -36.26 15.56
N LEU A 520 -18.02 -36.84 14.94
CA LEU A 520 -19.37 -36.82 15.49
C LEU A 520 -19.89 -38.26 15.60
N THR A 521 -20.75 -38.50 16.60
CA THR A 521 -21.22 -39.84 16.90
C THR A 521 -22.73 -39.87 17.12
N TYR A 522 -23.35 -41.02 16.81
CA TYR A 522 -24.78 -41.17 16.89
C TYR A 522 -25.11 -42.32 17.84
N GLU A 523 -25.90 -42.04 18.90
CA GLU A 523 -26.52 -43.09 19.70
C GLU A 523 -27.49 -43.86 18.80
N ASN A 524 -27.69 -45.14 19.10
CA ASN A 524 -28.42 -46.03 18.21
C ASN A 524 -29.80 -45.46 17.84
N ILE A 525 -30.04 -45.27 16.52
CA ILE A 525 -31.22 -44.67 15.94
C ILE A 525 -32.22 -45.78 15.62
N PRO A 526 -33.44 -45.78 16.19
CA PRO A 526 -34.46 -46.77 15.85
C PRO A 526 -34.99 -46.61 14.43
N LEU A 527 -35.61 -47.67 13.87
CA LEU A 527 -36.23 -47.55 12.56
C LEU A 527 -37.33 -46.49 12.58
N THR A 528 -37.37 -45.67 11.51
CA THR A 528 -38.32 -44.59 11.27
C THR A 528 -38.00 -43.29 12.01
N GLN A 529 -36.88 -43.22 12.76
CA GLN A 529 -36.59 -42.03 13.57
C GLN A 529 -35.42 -41.23 13.00
N TYR A 530 -35.45 -39.92 13.20
CA TYR A 530 -34.34 -39.04 12.86
C TYR A 530 -33.40 -38.85 14.06
N SER A 531 -32.19 -38.31 13.82
CA SER A 531 -31.32 -37.79 14.86
C SER A 531 -30.36 -36.77 14.26
N PHE A 532 -29.99 -35.74 15.02
CA PHE A 532 -29.20 -34.63 14.50
C PHE A 532 -27.89 -34.46 15.27
N ASN A 533 -26.87 -33.93 14.57
CA ASN A 533 -25.60 -33.52 15.16
C ASN A 533 -24.94 -32.49 14.25
N GLY A 534 -24.00 -31.68 14.77
CA GLY A 534 -23.35 -30.70 13.91
C GLY A 534 -22.48 -29.71 14.66
N ILE A 535 -21.62 -29.00 13.91
CA ILE A 535 -20.66 -28.07 14.49
C ILE A 535 -20.52 -26.82 13.65
N ILE A 536 -20.22 -25.70 14.33
CA ILE A 536 -19.89 -24.44 13.69
C ILE A 536 -18.43 -24.11 14.02
N VAL A 537 -17.63 -23.72 13.02
CA VAL A 537 -16.20 -23.54 13.19
C VAL A 537 -15.78 -22.14 12.73
N THR A 538 -14.69 -21.61 13.32
CA THR A 538 -14.17 -20.27 13.05
C THR A 538 -12.64 -20.31 12.93
N PRO A 539 -11.96 -19.38 12.23
CA PRO A 539 -10.49 -19.39 12.16
C PRO A 539 -9.84 -19.21 13.52
N GLY A 540 -8.83 -20.04 13.82
CA GLY A 540 -8.27 -20.10 15.16
C GLY A 540 -7.05 -19.22 15.37
N TYR A 541 -6.87 -18.19 14.53
CA TYR A 541 -5.72 -17.30 14.60
C TYR A 541 -5.99 -16.11 15.53
N ALA A 542 -5.04 -15.16 15.60
CA ALA A 542 -4.91 -14.27 16.75
C ALA A 542 -5.97 -13.17 16.78
N ALA A 543 -5.98 -12.30 15.76
CA ALA A 543 -6.80 -11.08 15.81
C ALA A 543 -8.22 -11.35 15.30
N ILE A 544 -8.37 -12.30 14.38
CA ILE A 544 -9.54 -12.45 13.53
C ILE A 544 -10.53 -13.49 14.06
N ASN A 545 -10.26 -14.18 15.18
CA ASN A 545 -11.13 -15.27 15.60
C ASN A 545 -12.53 -14.80 16.00
N GLY A 546 -13.55 -15.59 15.64
CA GLY A 546 -14.94 -15.29 15.98
C GLY A 546 -15.61 -14.28 15.03
N THR A 547 -14.88 -13.68 14.09
CA THR A 547 -15.43 -12.69 13.16
C THR A 547 -16.12 -13.33 11.96
N THR A 548 -15.75 -14.56 11.60
CA THR A 548 -16.30 -15.30 10.47
C THR A 548 -16.45 -16.77 10.85
N ALA A 549 -17.44 -17.47 10.28
CA ALA A 549 -17.67 -18.86 10.67
C ALA A 549 -18.31 -19.67 9.54
N MET A 550 -18.32 -21.00 9.69
CA MET A 550 -19.11 -21.85 8.81
C MET A 550 -19.82 -22.95 9.59
N ALA A 551 -21.06 -23.27 9.20
CA ALA A 551 -21.92 -24.18 9.95
C ALA A 551 -22.25 -25.43 9.14
N TYR A 552 -22.07 -26.60 9.77
CA TYR A 552 -22.50 -27.88 9.22
C TYR A 552 -23.49 -28.52 10.20
N VAL A 553 -24.74 -28.76 9.78
CA VAL A 553 -25.73 -29.47 10.56
C VAL A 553 -26.18 -30.70 9.77
N ILE A 554 -26.03 -31.89 10.36
CA ILE A 554 -26.16 -33.14 9.64
C ILE A 554 -27.24 -33.99 10.30
N GLY A 555 -28.30 -34.27 9.55
CA GLY A 555 -29.37 -35.13 10.03
C GLY A 555 -29.27 -36.53 9.43
N ALA A 556 -29.78 -37.51 10.18
CA ALA A 556 -29.69 -38.89 9.76
C ALA A 556 -31.06 -39.53 9.87
N LEU A 557 -31.31 -40.57 9.06
CA LEU A 557 -32.57 -41.30 9.11
C LEU A 557 -32.34 -42.75 8.75
N TYR A 558 -32.96 -43.66 9.50
CA TYR A 558 -32.84 -45.10 9.28
C TYR A 558 -34.19 -45.70 8.96
N ASN A 559 -34.33 -46.32 7.77
CA ASN A 559 -35.62 -46.84 7.32
C ASN A 559 -35.47 -48.07 6.42
N LYS A 560 -36.54 -48.87 6.39
CA LYS A 560 -36.61 -50.11 5.63
C LYS A 560 -37.45 -49.93 4.37
N THR A 561 -36.87 -50.31 3.22
CA THR A 561 -37.44 -50.32 1.88
C THR A 561 -37.50 -51.77 1.40
N SER A 562 -37.05 -52.07 0.17
CA SER A 562 -36.58 -53.41 -0.16
C SER A 562 -35.32 -53.75 0.66
N ASP A 563 -34.49 -52.72 0.90
CA ASP A 563 -33.20 -52.78 1.57
C ASP A 563 -33.23 -51.90 2.82
N TYR A 564 -32.30 -52.13 3.76
CA TYR A 564 -32.11 -51.25 4.89
C TYR A 564 -31.20 -50.09 4.50
N VAL A 565 -31.67 -48.85 4.70
CA VAL A 565 -30.95 -47.66 4.28
C VAL A 565 -30.75 -46.71 5.46
N LEU A 566 -29.49 -46.36 5.72
CA LEU A 566 -29.15 -45.25 6.59
C LEU A 566 -28.67 -44.10 5.72
N SER A 567 -29.36 -42.97 5.79
CA SER A 567 -29.10 -41.82 4.94
C SER A 567 -28.72 -40.61 5.77
N PHE A 568 -27.80 -39.79 5.23
CA PHE A 568 -27.34 -38.56 5.86
C PHE A 568 -27.52 -37.41 4.89
N ALA A 569 -27.88 -36.22 5.42
CA ALA A 569 -28.05 -35.01 4.63
C ALA A 569 -27.51 -33.84 5.44
N GLY A 570 -26.82 -32.91 4.79
CA GLY A 570 -26.11 -31.90 5.56
C GLY A 570 -26.17 -30.51 4.93
N SER A 571 -26.34 -29.48 5.76
CA SER A 571 -26.28 -28.09 5.33
C SER A 571 -24.83 -27.62 5.27
N GLN A 572 -24.60 -26.54 4.53
CA GLN A 572 -23.30 -25.88 4.41
C GLN A 572 -23.57 -24.39 4.24
N GLU A 573 -23.46 -23.61 5.33
CA GLU A 573 -23.72 -22.19 5.25
C GLU A 573 -22.60 -21.35 5.89
N PRO A 574 -21.99 -20.41 5.14
CA PRO A 574 -21.09 -19.44 5.75
C PRO A 574 -21.82 -18.32 6.46
N MET A 575 -21.22 -17.86 7.57
CA MET A 575 -21.83 -16.87 8.45
C MET A 575 -20.80 -15.83 8.90
N GLN A 576 -21.30 -14.66 9.32
CA GLN A 576 -20.45 -13.61 9.86
C GLN A 576 -21.10 -13.05 11.13
N VAL A 577 -20.29 -12.39 11.98
CA VAL A 577 -20.79 -11.76 13.19
C VAL A 577 -20.71 -10.25 13.01
N MET A 578 -21.84 -9.55 13.25
CA MET A 578 -21.87 -8.09 13.24
C MET A 578 -22.92 -7.62 14.24
N ASN A 579 -22.48 -6.83 15.23
CA ASN A 579 -23.36 -6.31 16.27
C ASN A 579 -24.04 -7.49 16.99
N ASN A 580 -23.24 -8.52 17.33
CA ASN A 580 -23.64 -9.69 18.09
C ASN A 580 -24.69 -10.61 17.41
N ASN A 581 -25.18 -10.32 16.19
CA ASN A 581 -25.94 -11.30 15.42
C ASN A 581 -24.97 -12.17 14.61
N LEU A 582 -25.01 -13.49 14.79
CA LEU A 582 -24.37 -14.41 13.86
C LEU A 582 -25.32 -14.66 12.69
N THR A 583 -24.96 -14.23 11.46
CA THR A 583 -25.90 -14.11 10.34
C THR A 583 -25.43 -14.85 9.10
N GLU A 584 -26.38 -15.42 8.33
CA GLU A 584 -26.12 -16.19 7.12
C GLU A 584 -25.77 -15.29 5.93
N VAL A 585 -24.69 -15.61 5.21
CA VAL A 585 -24.22 -14.82 4.08
C VAL A 585 -24.78 -15.38 2.77
N THR A 586 -24.80 -16.72 2.67
CA THR A 586 -25.37 -17.48 1.57
C THR A 586 -25.58 -18.91 2.03
N THR A 587 -26.29 -19.73 1.25
CA THR A 587 -26.17 -21.16 1.45
C THR A 587 -25.54 -21.79 0.20
N LEU A 588 -24.55 -22.64 0.42
CA LEU A 588 -24.09 -23.50 -0.66
C LEU A 588 -25.05 -24.68 -0.77
N ALA A 589 -24.78 -25.57 -1.74
CA ALA A 589 -25.63 -26.73 -2.01
C ALA A 589 -25.52 -27.73 -0.86
N PRO A 590 -26.56 -28.55 -0.56
CA PRO A 590 -26.42 -29.64 0.39
C PRO A 590 -25.51 -30.76 -0.10
N PHE A 591 -25.25 -31.72 0.79
CA PHE A 591 -24.58 -32.97 0.45
C PHE A 591 -25.33 -34.14 1.08
N GLY A 592 -25.08 -35.35 0.55
CA GLY A 592 -25.75 -36.56 1.01
C GLY A 592 -24.87 -37.80 0.89
N LEU A 593 -25.07 -38.74 1.83
CA LEU A 593 -24.42 -40.05 1.81
C LEU A 593 -25.47 -41.11 2.12
N THR A 594 -25.36 -42.29 1.50
CA THR A 594 -26.25 -43.40 1.79
C THR A 594 -25.46 -44.69 1.96
N LEU A 595 -25.81 -45.46 2.99
CA LEU A 595 -25.26 -46.77 3.26
C LEU A 595 -26.38 -47.80 3.10
N LEU A 596 -26.17 -48.84 2.28
CA LEU A 596 -27.22 -49.78 1.96
C LEU A 596 -26.82 -51.22 2.26
N ALA A 597 -27.73 -51.97 2.90
CA ALA A 597 -27.50 -53.37 3.26
C ALA A 597 -28.72 -54.25 2.96
N PRO A 598 -28.57 -55.27 2.09
CA PRO A 598 -29.53 -56.38 2.01
C PRO A 598 -29.47 -57.36 3.19
N SER A 599 -28.28 -57.56 3.76
CA SER A 599 -28.10 -58.42 4.93
C SER A 599 -28.57 -57.68 6.19
N VAL A 600 -29.12 -58.45 7.14
CA VAL A 600 -29.73 -57.84 8.32
C VAL A 600 -28.65 -57.22 9.22
N PRO A 601 -27.68 -57.98 9.82
CA PRO A 601 -26.50 -57.38 10.44
C PRO A 601 -25.41 -57.10 9.41
N ALA A 602 -24.77 -55.93 9.52
CA ALA A 602 -23.74 -55.50 8.57
C ALA A 602 -22.96 -54.29 9.08
N THR A 603 -21.78 -54.08 8.49
CA THR A 603 -21.01 -52.86 8.62
C THR A 603 -20.73 -52.26 7.25
N GLU A 604 -20.90 -50.94 7.12
CA GLU A 604 -20.76 -50.25 5.84
C GLU A 604 -19.96 -48.95 5.97
N THR A 605 -19.52 -48.41 4.81
CA THR A 605 -18.75 -47.16 4.76
C THR A 605 -19.06 -46.37 3.49
N GLY A 606 -18.79 -45.06 3.54
CA GLY A 606 -19.09 -44.14 2.44
C GLY A 606 -18.39 -42.79 2.54
N THR A 607 -18.45 -41.98 1.47
CA THR A 607 -17.76 -40.69 1.40
C THR A 607 -18.45 -39.69 0.48
N SER A 608 -18.19 -38.38 0.71
CA SER A 608 -18.67 -37.28 -0.12
C SER A 608 -17.65 -36.16 -0.10
N PRO A 609 -17.56 -35.31 -1.16
CA PRO A 609 -16.85 -34.04 -1.05
C PRO A 609 -17.64 -33.11 -0.14
N LEU A 610 -16.90 -32.16 0.47
CA LEU A 610 -17.38 -31.15 1.40
C LEU A 610 -16.70 -29.83 1.07
N GLN A 611 -17.40 -28.71 1.27
CA GLN A 611 -16.86 -27.41 0.92
C GLN A 611 -16.75 -26.50 2.14
N LEU A 612 -15.77 -25.59 2.08
CA LEU A 612 -15.49 -24.64 3.14
C LEU A 612 -15.37 -23.25 2.53
N GLU A 613 -15.98 -22.24 3.17
CA GLU A 613 -15.94 -20.87 2.71
C GLU A 613 -15.96 -19.90 3.90
N PHE A 614 -15.04 -18.94 3.90
CA PHE A 614 -15.00 -17.89 4.89
C PHE A 614 -15.02 -16.52 4.19
N PHE A 615 -15.93 -15.64 4.62
CA PHE A 615 -15.98 -14.27 4.15
C PHE A 615 -15.36 -13.35 5.18
N THR A 616 -14.31 -12.60 4.80
CA THR A 616 -13.66 -11.69 5.73
C THR A 616 -14.48 -10.41 5.92
N VAL A 617 -14.47 -9.91 7.16
CA VAL A 617 -14.96 -8.56 7.45
C VAL A 617 -13.84 -7.60 7.05
N PRO A 618 -14.14 -6.49 6.32
CA PRO A 618 -13.14 -5.58 5.74
C PRO A 618 -11.81 -5.31 6.43
N SER A 619 -11.82 -4.87 7.70
CA SER A 619 -10.62 -4.53 8.46
C SER A 619 -9.67 -5.72 8.69
N THR A 620 -10.20 -6.95 8.62
CA THR A 620 -9.44 -8.16 8.88
C THR A 620 -8.74 -8.72 7.63
N SER A 621 -9.07 -8.21 6.43
CA SER A 621 -8.83 -8.86 5.14
C SER A 621 -7.37 -9.11 4.80
N TYR A 622 -6.42 -8.24 5.21
CA TYR A 622 -5.02 -8.52 4.94
C TYR A 622 -4.48 -9.57 5.90
N ILE A 623 -4.89 -9.49 7.18
CA ILE A 623 -4.41 -10.39 8.23
C ILE A 623 -4.80 -11.83 7.91
N ALA A 624 -6.01 -12.05 7.40
CA ALA A 624 -6.49 -13.37 7.00
C ALA A 624 -5.59 -14.03 5.96
N LEU A 625 -5.20 -13.28 4.92
CA LEU A 625 -4.41 -13.80 3.82
C LEU A 625 -3.00 -14.19 4.27
N VAL A 626 -2.41 -13.45 5.22
CA VAL A 626 -1.12 -13.81 5.78
C VAL A 626 -1.26 -15.06 6.64
N ASP A 627 -2.25 -15.08 7.54
CA ASP A 627 -2.44 -16.14 8.52
C ASP A 627 -2.70 -17.50 7.87
N PHE A 628 -3.62 -17.59 6.90
CA PHE A 628 -3.90 -18.85 6.23
C PHE A 628 -2.74 -19.30 5.33
N GLY A 629 -1.91 -18.37 4.88
CA GLY A 629 -0.76 -18.74 4.06
C GLY A 629 -0.93 -18.44 2.57
N LEU A 630 -1.98 -17.69 2.21
CA LEU A 630 -2.21 -17.36 0.81
C LEU A 630 -1.30 -16.24 0.33
N TRP A 631 -0.71 -15.46 1.25
CA TRP A 631 0.21 -14.39 0.86
C TRP A 631 1.61 -14.70 1.36
N GLY A 632 2.60 -14.70 0.44
CA GLY A 632 3.98 -15.08 0.72
C GLY A 632 4.72 -15.33 -0.59
N ASN A 633 6.01 -15.69 -0.53
CA ASN A 633 6.89 -15.68 -1.70
C ASN A 633 6.43 -16.65 -2.81
N LEU A 634 5.53 -17.59 -2.53
CA LEU A 634 5.09 -18.55 -3.53
C LEU A 634 3.77 -18.17 -4.21
N THR A 635 3.10 -17.09 -3.79
CA THR A 635 1.75 -16.80 -4.28
C THR A 635 1.75 -16.18 -5.67
N SER A 636 0.71 -16.46 -6.46
CA SER A 636 0.55 -15.89 -7.80
C SER A 636 -0.88 -15.42 -8.04
N VAL A 637 -1.05 -14.31 -8.77
CA VAL A 637 -2.34 -13.64 -8.87
C VAL A 637 -2.69 -13.40 -10.33
N THR A 638 -3.94 -13.68 -10.71
CA THR A 638 -4.47 -13.42 -12.04
C THR A 638 -5.55 -12.33 -11.94
N VAL A 639 -5.55 -11.39 -12.92
CA VAL A 639 -6.42 -10.23 -12.87
C VAL A 639 -7.20 -10.08 -14.18
N SER A 640 -8.52 -9.80 -14.10
CA SER A 640 -9.37 -9.44 -15.23
C SER A 640 -10.03 -8.08 -14.99
N ALA A 641 -10.53 -7.43 -16.06
CA ALA A 641 -10.96 -6.03 -15.98
C ALA A 641 -12.21 -5.79 -16.80
N TYR A 642 -13.08 -4.88 -16.33
CA TYR A 642 -14.41 -4.63 -16.89
C TYR A 642 -14.67 -3.13 -17.03
N ASP A 643 -15.21 -2.71 -18.18
CA ASP A 643 -15.59 -1.32 -18.43
C ASP A 643 -17.06 -1.13 -18.11
N THR A 644 -17.34 -0.23 -17.16
CA THR A 644 -18.65 -0.09 -16.58
C THR A 644 -19.57 0.83 -17.39
N VAL A 645 -19.03 1.59 -18.35
CA VAL A 645 -19.82 2.46 -19.20
C VAL A 645 -20.37 1.67 -20.39
N ASN A 646 -19.54 0.76 -20.95
CA ASN A 646 -19.84 0.10 -22.22
C ASN A 646 -20.19 -1.38 -22.08
N ASN A 647 -20.01 -1.98 -20.91
CA ASN A 647 -20.36 -3.37 -20.65
C ASN A 647 -19.51 -4.31 -21.50
N LYS A 648 -18.17 -4.25 -21.32
CA LYS A 648 -17.22 -5.13 -21.97
C LYS A 648 -16.26 -5.76 -20.96
N LEU A 649 -15.75 -6.95 -21.30
CA LEU A 649 -14.75 -7.66 -20.50
C LEU A 649 -13.46 -7.88 -21.30
N SER A 650 -12.35 -8.04 -20.59
CA SER A 650 -11.03 -8.21 -21.18
C SER A 650 -10.93 -9.54 -21.90
N VAL A 651 -10.35 -9.56 -23.11
CA VAL A 651 -10.15 -10.82 -23.81
C VAL A 651 -8.82 -11.51 -23.46
N ASN A 652 -8.01 -10.88 -22.58
CA ASN A 652 -6.80 -11.47 -22.00
C ASN A 652 -6.72 -11.16 -20.49
N LEU A 653 -5.79 -11.80 -19.77
CA LEU A 653 -5.60 -11.63 -18.34
C LEU A 653 -4.21 -11.08 -18.01
N GLY A 654 -4.10 -10.28 -16.95
CA GLY A 654 -2.80 -9.82 -16.43
C GLY A 654 -2.30 -10.69 -15.28
N TYR A 655 -0.97 -10.74 -15.07
CA TYR A 655 -0.36 -11.64 -14.09
C TYR A 655 0.63 -10.89 -13.19
N PHE A 656 0.66 -11.20 -11.87
CA PHE A 656 1.71 -10.72 -10.97
C PHE A 656 1.96 -11.66 -9.81
N TYR A 657 3.13 -11.53 -9.15
CA TYR A 657 3.59 -12.47 -8.13
C TYR A 657 3.90 -11.75 -6.81
N GLY A 658 3.82 -12.45 -5.67
CA GLY A 658 3.93 -11.80 -4.37
C GLY A 658 5.34 -11.96 -3.76
N ILE A 659 5.79 -10.98 -2.95
CA ILE A 659 7.12 -11.00 -2.33
C ILE A 659 7.07 -10.40 -0.91
N VAL A 660 7.88 -10.95 0.02
CA VAL A 660 8.11 -10.42 1.38
C VAL A 660 9.61 -10.17 1.55
N ILE A 661 10.03 -8.97 1.99
CA ILE A 661 11.44 -8.58 2.05
C ILE A 661 11.79 -7.95 3.41
N PRO A 662 12.84 -8.39 4.14
CA PRO A 662 13.16 -7.83 5.45
C PRO A 662 13.91 -6.51 5.39
N PRO A 663 13.81 -5.64 6.42
CA PRO A 663 14.49 -4.35 6.43
C PRO A 663 15.98 -4.43 6.75
N SER A 664 16.69 -3.31 6.54
CA SER A 664 18.13 -3.24 6.75
C SER A 664 18.56 -1.79 7.00
N ILE A 665 19.65 -1.57 7.79
CA ILE A 665 20.10 -0.23 8.14
C ILE A 665 21.62 -0.10 7.98
N SER A 666 22.08 1.11 7.62
CA SER A 666 23.46 1.35 7.20
C SER A 666 23.85 2.80 7.45
N THR A 667 25.15 3.08 7.43
CA THR A 667 25.64 4.45 7.60
C THR A 667 26.89 4.69 6.75
N ALA A 668 27.04 5.92 6.27
CA ALA A 668 28.23 6.35 5.54
C ALA A 668 29.37 6.61 6.54
N PRO A 669 30.65 6.29 6.22
CA PRO A 669 31.71 6.33 7.23
C PRO A 669 31.99 7.75 7.74
N TYR A 670 32.02 7.90 9.07
CA TYR A 670 32.14 9.21 9.69
C TYR A 670 33.35 9.27 10.63
N ASN A 671 34.07 10.40 10.58
CA ASN A 671 35.17 10.68 11.49
C ASN A 671 34.72 11.78 12.43
N TYR A 672 35.66 12.46 13.10
CA TYR A 672 35.30 13.59 13.94
C TYR A 672 34.83 14.79 13.13
N GLN A 673 35.29 14.88 11.88
CA GLN A 673 35.02 16.04 11.06
C GLN A 673 33.52 16.22 10.79
N ASN A 674 32.74 15.14 10.87
CA ASN A 674 31.31 15.27 10.64
C ASN A 674 30.57 16.06 11.75
N PHE A 675 31.30 16.53 12.79
CA PHE A 675 30.68 17.21 13.91
C PHE A 675 31.30 18.58 14.23
N ILE A 676 32.10 19.18 13.34
CA ILE A 676 32.71 20.48 13.62
C ILE A 676 31.77 21.66 13.30
N CYS A 677 31.62 22.00 12.00
CA CYS A 677 30.99 23.22 11.53
C CYS A 677 29.53 23.00 11.09
N PRO A 678 28.71 24.07 10.89
CA PRO A 678 27.26 23.91 10.73
C PRO A 678 26.67 23.15 9.53
N ASN A 679 27.49 22.88 8.51
CA ASN A 679 27.08 22.19 7.30
C ASN A 679 27.53 20.72 7.30
N ASN A 680 28.05 20.21 8.42
CA ASN A 680 28.53 18.83 8.53
C ASN A 680 27.53 18.00 9.34
N TYR A 681 27.22 16.77 8.88
CA TYR A 681 26.23 15.89 9.48
C TYR A 681 26.51 14.41 9.18
N VAL A 682 25.81 13.49 9.87
CA VAL A 682 25.96 12.06 9.64
C VAL A 682 24.71 11.52 8.94
N THR A 683 24.91 10.62 7.96
CA THR A 683 23.81 10.08 7.18
C THR A 683 23.58 8.61 7.50
N VAL A 684 22.32 8.27 7.78
CA VAL A 684 21.89 6.90 7.98
C VAL A 684 20.89 6.57 6.87
N THR A 685 21.11 5.43 6.19
CA THR A 685 20.19 4.97 5.15
C THR A 685 19.48 3.71 5.60
N ILE A 686 18.14 3.74 5.59
CA ILE A 686 17.29 2.61 5.87
C ILE A 686 16.78 2.06 4.55
N TYR A 687 16.88 0.74 4.37
CA TYR A 687 16.34 0.05 3.22
C TYR A 687 15.10 -0.72 3.67
N ASP A 688 13.92 -0.38 3.12
CA ASP A 688 12.68 -1.07 3.41
C ASP A 688 11.68 -0.85 2.29
N PRO A 689 11.67 -1.71 1.25
CA PRO A 689 10.72 -1.59 0.16
C PRO A 689 9.26 -1.75 0.56
N ASP A 690 8.97 -2.54 1.59
CA ASP A 690 7.58 -2.78 1.98
C ASP A 690 6.89 -1.56 2.58
N ALA A 691 7.62 -0.47 2.85
CA ALA A 691 7.02 0.75 3.35
C ALA A 691 6.55 1.67 2.20
N VAL A 692 6.94 1.38 0.96
CA VAL A 692 6.57 2.18 -0.20
C VAL A 692 5.26 1.63 -0.78
N LEU A 693 4.13 2.23 -0.39
CA LEU A 693 2.82 1.80 -0.83
C LEU A 693 2.43 2.46 -2.15
N ASP A 694 2.94 3.67 -2.42
CA ASP A 694 2.65 4.39 -3.65
C ASP A 694 3.94 4.62 -4.44
N PRO A 695 4.05 4.15 -5.72
CA PRO A 695 5.23 4.32 -6.57
C PRO A 695 5.77 5.73 -6.75
N TYR A 696 4.92 6.73 -6.50
CA TYR A 696 5.31 8.13 -6.61
C TYR A 696 5.67 8.68 -5.23
N PRO A 697 6.87 9.25 -5.00
CA PRO A 697 7.19 9.83 -3.69
C PRO A 697 6.30 11.05 -3.46
N SER A 698 5.87 11.23 -2.19
CA SER A 698 4.90 12.23 -1.77
C SER A 698 3.46 11.94 -2.20
N GLY A 699 3.21 10.80 -2.85
CA GLY A 699 1.86 10.42 -3.25
C GLY A 699 1.00 9.91 -2.08
N SER A 700 -0.32 9.95 -2.26
CA SER A 700 -1.27 9.56 -1.24
C SER A 700 -2.53 8.98 -1.87
N PHE A 701 -3.20 8.04 -1.17
CA PHE A 701 -4.52 7.57 -1.55
C PHE A 701 -5.33 7.09 -0.36
N THR A 702 -6.65 6.95 -0.54
CA THR A 702 -7.57 6.44 0.48
C THR A 702 -8.46 5.35 -0.11
N THR A 703 -9.18 4.63 0.75
CA THR A 703 -9.97 3.50 0.29
C THR A 703 -11.21 3.30 1.15
N SER A 704 -12.35 2.89 0.52
CA SER A 704 -13.61 2.60 1.18
C SER A 704 -14.32 1.40 0.54
N SER A 705 -15.28 0.79 1.28
CA SER A 705 -15.97 -0.43 0.85
C SER A 705 -17.41 -0.16 0.42
N LEU A 706 -17.88 -0.82 -0.66
CA LEU A 706 -19.16 -0.57 -1.32
C LEU A 706 -19.55 -1.78 -2.18
N PRO A 707 -20.80 -1.86 -2.70
CA PRO A 707 -21.10 -2.69 -3.87
C PRO A 707 -20.59 -2.11 -5.18
N LEU A 708 -19.93 -2.95 -5.98
CA LEU A 708 -19.37 -2.63 -7.29
C LEU A 708 -20.13 -3.41 -8.36
N LYS A 709 -20.39 -2.81 -9.53
CA LYS A 709 -20.83 -3.53 -10.70
C LYS A 709 -19.66 -4.30 -11.33
N TYR A 710 -19.85 -5.61 -11.54
CA TYR A 710 -18.96 -6.44 -12.35
C TYR A 710 -19.81 -7.47 -13.07
N GLY A 711 -19.47 -7.81 -14.32
CA GLY A 711 -20.28 -8.75 -15.08
C GLY A 711 -21.72 -8.25 -15.19
N ASN A 712 -22.64 -9.07 -14.67
CA ASN A 712 -24.05 -8.74 -14.53
C ASN A 712 -24.49 -8.85 -13.07
N MET A 713 -23.59 -8.54 -12.12
CA MET A 713 -23.85 -8.67 -10.70
C MET A 713 -23.25 -7.53 -9.87
N ASN A 714 -23.76 -7.37 -8.64
CA ASN A 714 -23.35 -6.34 -7.70
C ASN A 714 -22.63 -7.00 -6.51
N ILE A 715 -21.33 -6.68 -6.28
CA ILE A 715 -20.48 -7.45 -5.39
C ILE A 715 -19.68 -6.50 -4.50
N THR A 716 -19.49 -6.83 -3.21
CA THR A 716 -18.78 -5.94 -2.30
C THR A 716 -17.30 -5.85 -2.65
N GLY A 717 -16.76 -4.64 -2.67
CA GLY A 717 -15.40 -4.40 -3.16
C GLY A 717 -14.82 -3.11 -2.63
N ALA A 718 -13.55 -2.84 -2.95
CA ALA A 718 -12.84 -1.67 -2.47
C ALA A 718 -12.75 -0.64 -3.58
N VAL A 719 -13.10 0.62 -3.28
CA VAL A 719 -12.97 1.72 -4.23
C VAL A 719 -11.81 2.60 -3.78
N ILE A 720 -10.85 2.84 -4.69
CA ILE A 720 -9.66 3.62 -4.38
C ILE A 720 -9.88 5.07 -4.81
N PHE A 721 -9.64 6.01 -3.90
CA PHE A 721 -9.68 7.44 -4.22
C PHE A 721 -8.29 8.02 -4.05
N PRO A 722 -7.64 8.58 -5.10
CA PRO A 722 -6.40 9.35 -4.95
C PRO A 722 -6.56 10.60 -4.11
N GLY A 723 -5.46 11.04 -3.49
CA GLY A 723 -5.51 12.20 -2.61
C GLY A 723 -5.49 11.84 -1.12
N SER A 724 -6.04 12.76 -0.31
CA SER A 724 -5.79 12.76 1.12
C SER A 724 -7.07 12.99 1.94
N SER A 725 -8.23 12.68 1.35
CA SER A 725 -9.53 12.81 1.99
C SER A 725 -10.25 11.46 2.03
N VAL A 726 -10.89 11.17 3.16
CA VAL A 726 -11.57 9.89 3.41
C VAL A 726 -13.08 10.08 3.26
N TYR A 727 -13.76 9.18 2.54
CA TYR A 727 -15.16 9.35 2.18
C TYR A 727 -16.00 8.15 2.61
N ASN A 728 -17.28 8.44 2.91
CA ASN A 728 -18.29 7.44 3.23
C ASN A 728 -19.33 7.45 2.10
N PRO A 729 -19.10 6.71 0.98
CA PRO A 729 -19.98 6.78 -0.18
C PRO A 729 -21.26 5.95 -0.08
N SER A 730 -22.12 6.09 -1.09
CA SER A 730 -23.45 5.49 -1.14
C SER A 730 -23.77 4.97 -2.54
N GLY A 731 -24.73 4.05 -2.64
CA GLY A 731 -25.13 3.49 -3.93
C GLY A 731 -24.22 2.37 -4.42
N VAL A 732 -24.19 2.16 -5.75
CA VAL A 732 -23.37 1.14 -6.38
C VAL A 732 -22.43 1.79 -7.40
N PHE A 733 -21.12 1.50 -7.31
CA PHE A 733 -20.11 2.04 -8.21
C PHE A 733 -20.31 1.49 -9.61
N GLY A 734 -20.50 2.41 -10.56
CA GLY A 734 -20.89 2.03 -11.91
C GLY A 734 -22.19 2.68 -12.36
N TYR A 735 -23.24 2.57 -11.53
CA TYR A 735 -24.52 3.16 -11.79
C TYR A 735 -24.58 4.61 -11.31
N SER A 736 -25.67 5.30 -11.69
CA SER A 736 -25.86 6.72 -11.43
C SER A 736 -26.31 7.04 -10.00
N ASN A 737 -26.48 6.02 -9.15
CA ASN A 737 -26.74 6.22 -7.73
C ASN A 737 -25.50 6.72 -6.99
N PHE A 738 -24.31 6.44 -7.55
CA PHE A 738 -23.05 6.57 -6.82
C PHE A 738 -22.79 8.02 -6.43
N ASN A 739 -22.64 8.25 -5.13
CA ASN A 739 -22.40 9.58 -4.59
C ASN A 739 -21.46 9.45 -3.39
N LYS A 740 -20.27 10.04 -3.52
CA LYS A 740 -19.37 10.23 -2.39
C LYS A 740 -19.69 11.55 -1.70
N GLY A 741 -19.94 11.51 -0.38
CA GLY A 741 -20.56 12.63 0.32
C GLY A 741 -19.54 13.69 0.70
N ALA A 742 -19.71 14.33 1.87
CA ALA A 742 -18.67 15.21 2.39
C ALA A 742 -17.39 14.41 2.74
N ALA A 743 -16.22 15.04 2.62
CA ALA A 743 -15.02 14.46 3.17
C ALA A 743 -15.16 14.34 4.69
N VAL A 744 -15.14 13.11 5.21
CA VAL A 744 -15.23 12.82 6.63
C VAL A 744 -13.99 13.31 7.39
N THR A 745 -12.80 13.26 6.77
CA THR A 745 -11.54 13.71 7.34
C THR A 745 -10.55 13.97 6.20
N THR A 746 -9.69 15.00 6.37
CA THR A 746 -8.65 15.33 5.42
C THR A 746 -7.31 15.40 6.15
N PHE A 747 -6.35 14.59 5.71
CA PHE A 747 -5.05 14.48 6.36
C PHE A 747 -4.02 15.36 5.67
N THR A 748 -3.22 16.08 6.46
CA THR A 748 -2.22 17.00 5.92
C THR A 748 -1.01 17.08 6.82
N TYR A 749 0.17 17.23 6.21
CA TYR A 749 1.39 17.51 6.96
C TYR A 749 1.56 19.02 7.04
N THR A 750 1.71 19.54 8.26
CA THR A 750 1.73 20.98 8.50
C THR A 750 2.90 21.36 9.41
N ALA A 751 3.46 22.55 9.21
CA ALA A 751 4.45 23.12 10.12
C ALA A 751 3.82 23.41 11.48
N GLN A 752 4.65 23.40 12.54
CA GLN A 752 4.18 23.58 13.90
C GLN A 752 5.07 24.54 14.70
N SER A 753 4.56 24.97 15.86
CA SER A 753 5.28 25.84 16.80
C SER A 753 6.40 25.08 17.52
N GLY A 754 7.13 25.81 18.39
CA GLY A 754 8.36 25.34 19.01
C GLY A 754 9.60 25.77 18.22
N PRO A 755 10.83 25.37 18.61
CA PRO A 755 12.02 25.80 17.89
C PRO A 755 12.17 25.01 16.59
N PHE A 756 13.07 25.48 15.73
CA PHE A 756 13.18 24.96 14.37
C PHE A 756 11.81 25.13 13.71
N SER A 757 11.28 24.07 13.09
CA SER A 757 9.83 23.91 12.96
C SER A 757 9.53 22.50 12.50
N PRO A 758 8.93 21.63 13.34
CA PRO A 758 8.55 20.30 12.89
C PRO A 758 7.44 20.34 11.83
N VAL A 759 7.45 19.31 10.96
CA VAL A 759 6.33 19.01 10.09
C VAL A 759 5.74 17.68 10.55
N ALA A 760 4.45 17.69 10.89
CA ALA A 760 3.79 16.51 11.43
C ALA A 760 2.35 16.38 10.92
N LEU A 761 1.78 15.17 11.06
CA LEU A 761 0.48 14.83 10.52
C LEU A 761 -0.63 15.41 11.37
N THR A 762 -1.67 15.95 10.71
CA THR A 762 -2.88 16.47 11.31
C THR A 762 -4.08 15.79 10.65
N GLY A 763 -5.12 15.50 11.44
CA GLY A 763 -6.29 14.74 11.00
C GLY A 763 -6.79 13.77 12.07
N ASN A 764 -8.05 13.33 11.97
CA ASN A 764 -8.67 12.43 12.93
C ASN A 764 -8.10 11.02 12.83
N THR A 765 -7.54 10.50 13.94
CA THR A 765 -6.75 9.27 13.92
C THR A 765 -7.62 8.01 13.79
N ASN A 766 -8.93 8.11 13.99
CA ASN A 766 -9.84 6.99 13.79
C ASN A 766 -9.83 6.47 12.35
N TYR A 767 -9.40 7.30 11.38
CA TYR A 767 -9.48 6.96 9.96
C TYR A 767 -8.13 6.59 9.33
N LEU A 768 -7.07 6.43 10.14
CA LEU A 768 -5.77 6.07 9.59
C LEU A 768 -5.80 4.69 8.93
N SER A 769 -6.74 3.83 9.31
CA SER A 769 -6.89 2.53 8.68
C SER A 769 -7.54 2.62 7.29
N GLN A 770 -7.56 3.83 6.69
CA GLN A 770 -8.10 4.03 5.35
C GLN A 770 -7.23 4.99 4.56
N TYR A 771 -6.02 5.29 5.06
CA TYR A 771 -5.12 6.25 4.43
C TYR A 771 -3.76 5.62 4.14
N ALA A 772 -3.21 5.84 2.93
CA ALA A 772 -1.90 5.33 2.54
C ALA A 772 -0.98 6.45 2.06
N ASP A 773 0.24 6.42 2.60
CA ASP A 773 1.33 7.35 2.30
C ASP A 773 2.60 6.52 2.06
N ASN A 774 3.78 7.13 2.18
CA ASN A 774 5.04 6.42 2.07
C ASN A 774 5.90 6.58 3.33
N ASN A 775 5.35 7.26 4.38
CA ASN A 775 6.04 7.56 5.64
C ASN A 775 5.94 6.40 6.64
N PRO A 776 7.05 5.75 7.07
CA PRO A 776 6.96 4.63 8.01
C PRO A 776 6.48 4.97 9.42
N THR A 777 6.44 6.26 9.78
CA THR A 777 5.94 6.67 11.08
C THR A 777 4.42 6.76 11.12
N ASP A 778 3.71 6.47 10.00
CA ASP A 778 2.25 6.31 10.03
C ASP A 778 1.70 5.18 9.15
N ASN A 779 2.49 4.63 8.21
CA ASN A 779 2.08 3.55 7.32
C ASN A 779 1.66 2.26 8.03
N TYR A 780 1.97 2.06 9.33
CA TYR A 780 1.72 0.77 9.96
C TYR A 780 0.26 0.51 10.28
N TYR A 781 -0.59 1.54 10.19
CA TYR A 781 -2.01 1.43 10.47
C TYR A 781 -2.83 0.83 9.32
N PHE A 782 -2.36 0.93 8.06
CA PHE A 782 -3.19 0.98 6.85
C PHE A 782 -4.29 -0.08 6.77
N ILE A 783 -3.97 -1.39 6.71
CA ILE A 783 -5.02 -2.40 6.80
C ILE A 783 -4.65 -3.40 7.89
N GLN A 784 -4.17 -2.86 9.02
CA GLN A 784 -3.58 -3.65 10.07
C GLN A 784 -4.12 -3.17 11.42
N THR A 785 -5.32 -2.57 11.42
CA THR A 785 -5.94 -2.09 12.64
C THR A 785 -7.27 -2.82 12.88
N VAL A 786 -7.36 -3.52 14.02
CA VAL A 786 -8.57 -4.20 14.47
C VAL A 786 -8.92 -3.73 15.89
N ASN A 787 -10.22 -3.63 16.19
CA ASN A 787 -10.74 -3.16 17.48
C ASN A 787 -10.12 -1.81 17.88
N GLY A 788 -9.68 -1.03 16.89
CA GLY A 788 -9.14 0.31 17.08
C GLY A 788 -7.68 0.38 17.54
N MET A 789 -6.94 -0.74 17.56
CA MET A 789 -5.53 -0.74 17.92
C MET A 789 -4.69 -1.44 16.85
N PRO A 790 -3.58 -0.86 16.35
CA PRO A 790 -2.76 -1.50 15.33
C PRO A 790 -2.04 -2.75 15.82
N VAL A 791 -1.98 -3.75 14.94
CA VAL A 791 -1.45 -5.08 15.23
C VAL A 791 0.07 -5.06 15.42
N LEU A 792 0.76 -4.13 14.75
CA LEU A 792 2.21 -4.09 14.70
C LEU A 792 2.66 -2.63 14.90
N MET A 793 3.35 -2.39 16.03
CA MET A 793 3.80 -1.04 16.37
C MET A 793 5.14 -0.74 15.67
N GLY A 794 5.09 -0.66 14.35
CA GLY A 794 6.26 -0.53 13.49
C GLY A 794 6.89 0.87 13.51
N GLY A 795 7.83 1.08 12.58
CA GLY A 795 8.37 2.40 12.32
C GLY A 795 9.74 2.64 12.96
N LEU A 796 10.08 3.93 13.13
CA LEU A 796 11.37 4.38 13.62
C LEU A 796 11.24 4.85 15.07
N SER A 797 12.13 4.36 15.93
CA SER A 797 12.21 4.76 17.34
C SER A 797 13.64 5.19 17.68
N ILE A 798 13.79 6.26 18.47
CA ILE A 798 15.07 6.88 18.77
C ILE A 798 15.24 7.06 20.28
N VAL A 799 16.43 6.74 20.83
CA VAL A 799 16.81 7.07 22.20
C VAL A 799 18.17 7.75 22.24
N ALA A 800 18.36 8.68 23.19
CA ALA A 800 19.54 9.53 23.20
C ALA A 800 20.11 9.64 24.61
N SER A 801 21.43 9.83 24.71
CA SER A 801 22.14 9.77 25.98
C SER A 801 23.42 10.61 25.87
N PRO A 802 23.90 11.33 26.92
CA PRO A 802 23.36 11.31 28.29
C PRO A 802 22.22 12.25 28.67
N VAL A 803 21.87 13.22 27.81
CA VAL A 803 20.66 14.02 28.01
C VAL A 803 19.47 13.17 27.55
N SER A 804 18.76 12.56 28.51
CA SER A 804 17.73 11.55 28.24
C SER A 804 16.55 12.15 27.49
N ALA A 805 16.29 11.61 26.29
CA ALA A 805 15.20 12.00 25.43
C ALA A 805 14.83 10.83 24.52
N SER A 806 13.57 10.80 24.06
CA SER A 806 13.13 9.77 23.14
C SER A 806 11.99 10.25 22.24
N LEU A 807 11.98 9.72 21.01
CA LEU A 807 10.88 9.89 20.06
C LEU A 807 10.50 8.52 19.51
N PRO A 808 9.20 8.17 19.41
CA PRO A 808 8.10 8.99 19.93
C PRO A 808 8.00 8.91 21.45
N SER A 809 7.67 10.04 22.06
CA SER A 809 7.29 10.12 23.48
C SER A 809 5.86 9.62 23.65
N SER A 810 5.44 9.42 24.91
CA SER A 810 4.14 8.83 25.24
C SER A 810 2.95 9.66 24.73
N THR A 811 3.16 10.98 24.56
CA THR A 811 2.14 11.91 24.10
C THR A 811 2.13 12.10 22.58
N SER A 812 3.19 11.66 21.90
CA SER A 812 3.43 11.91 20.48
C SER A 812 2.42 11.18 19.59
N SER A 813 1.92 11.89 18.56
CA SER A 813 1.00 11.35 17.56
C SER A 813 1.73 10.40 16.61
N PRO A 814 1.01 9.58 15.80
CA PRO A 814 1.56 9.03 14.58
C PRO A 814 2.01 10.17 13.67
N GLY A 815 3.00 9.90 12.83
CA GLY A 815 3.49 10.86 11.86
C GLY A 815 4.23 12.03 12.50
N PHE A 816 5.12 11.74 13.46
CA PHE A 816 5.89 12.76 14.17
C PHE A 816 6.94 13.46 13.30
N MET A 817 7.29 12.90 12.12
CA MET A 817 8.17 13.57 11.17
C MET A 817 7.90 13.11 9.73
N TYR A 818 8.29 13.90 8.73
CA TYR A 818 7.85 13.72 7.36
C TYR A 818 8.89 12.97 6.52
N LEU A 819 9.26 11.78 7.00
CA LEU A 819 10.31 10.95 6.40
C LEU A 819 9.81 10.27 5.12
N LEU A 820 10.42 10.58 3.95
CA LEU A 820 10.01 10.04 2.66
C LEU A 820 11.17 9.46 1.85
N PRO A 821 10.93 8.55 0.87
CA PRO A 821 12.00 7.95 0.08
C PRO A 821 12.56 8.84 -1.04
N SER A 822 13.77 8.51 -1.51
CA SER A 822 14.45 9.27 -2.54
C SER A 822 13.97 8.88 -3.95
N ALA A 823 14.12 9.79 -4.93
CA ALA A 823 13.63 9.58 -6.29
C ALA A 823 14.73 9.08 -7.24
N ALA A 824 14.35 8.23 -8.20
CA ALA A 824 15.24 7.69 -9.23
C ALA A 824 15.61 8.78 -10.23
N GLN A 825 16.92 8.93 -10.50
CA GLN A 825 17.47 9.99 -11.34
C GLN A 825 17.65 9.58 -12.80
N VAL A 826 18.17 10.53 -13.61
CA VAL A 826 17.93 10.66 -15.04
C VAL A 826 18.40 9.46 -15.88
N PRO A 827 19.55 8.79 -15.60
CA PRO A 827 19.92 7.58 -16.37
C PRO A 827 19.02 6.35 -16.27
N SER A 828 18.04 6.36 -15.36
CA SER A 828 17.07 5.26 -15.13
C SER A 828 15.98 5.26 -16.19
N PRO A 829 15.40 4.10 -16.56
CA PRO A 829 14.32 4.06 -17.54
C PRO A 829 13.04 4.80 -17.16
N LEU A 830 12.69 4.86 -15.85
CA LEU A 830 11.51 5.57 -15.36
C LEU A 830 11.89 6.53 -14.24
N PRO A 831 12.30 7.78 -14.57
CA PRO A 831 12.70 8.77 -13.57
C PRO A 831 11.57 9.33 -12.71
N GLY A 832 11.95 9.88 -11.55
CA GLY A 832 11.02 10.51 -10.65
C GLY A 832 10.23 9.52 -9.78
N MET A 833 10.32 8.22 -10.08
CA MET A 833 9.63 7.20 -9.29
C MET A 833 10.44 6.87 -8.04
N ALA A 834 9.82 6.19 -7.07
CA ALA A 834 10.43 5.97 -5.75
C ALA A 834 11.52 4.90 -5.78
N THR A 835 12.34 4.90 -4.72
CA THR A 835 13.48 4.01 -4.49
C THR A 835 13.30 3.46 -3.07
N PRO A 836 13.74 2.24 -2.70
CA PRO A 836 13.57 1.74 -1.34
C PRO A 836 14.40 2.39 -0.23
N ASN A 837 15.35 3.26 -0.59
CA ASN A 837 16.23 3.91 0.37
C ASN A 837 15.53 5.13 0.97
N TYR A 838 15.56 5.23 2.31
CA TYR A 838 15.17 6.42 3.06
C TYR A 838 16.43 6.99 3.71
N ASN A 839 16.73 8.28 3.48
CA ASN A 839 17.94 8.88 4.02
C ASN A 839 17.59 9.84 5.14
N LEU A 840 18.20 9.63 6.32
CA LEU A 840 17.91 10.38 7.53
C LEU A 840 19.18 11.09 7.97
N ASN A 841 19.11 12.40 8.21
CA ASN A 841 20.28 13.20 8.56
C ASN A 841 20.30 13.53 10.05
N ILE A 842 21.45 13.28 10.70
CA ILE A 842 21.59 13.45 12.13
C ILE A 842 22.68 14.48 12.45
N TYR A 843 22.36 15.48 13.27
CA TYR A 843 23.27 16.50 13.72
C TYR A 843 23.41 16.46 15.24
N ILE A 844 24.65 16.53 15.76
CA ILE A 844 24.88 16.58 17.20
C ILE A 844 25.78 17.78 17.48
N THR A 845 25.43 18.64 18.45
CA THR A 845 26.13 19.91 18.64
C THR A 845 25.98 20.46 20.06
N TYR A 846 26.86 21.41 20.44
CA TYR A 846 26.83 21.97 21.78
C TYR A 846 26.83 23.50 21.79
N LYS A 847 27.10 24.12 20.62
CA LYS A 847 27.34 25.55 20.49
C LYS A 847 26.08 26.37 20.68
N ILE A 848 24.90 25.78 20.43
CA ILE A 848 23.62 26.45 20.59
C ILE A 848 22.86 25.92 21.82
N ASP A 849 23.53 25.14 22.68
CA ASP A 849 22.94 24.71 23.94
C ASP A 849 22.66 25.91 24.83
N GLY A 850 21.45 25.97 25.40
CA GLY A 850 21.06 27.05 26.29
C GLY A 850 20.62 28.31 25.55
N ALA A 851 20.55 28.26 24.21
CA ALA A 851 19.91 29.32 23.45
C ALA A 851 18.42 29.32 23.74
N THR A 852 17.78 30.48 23.51
CA THR A 852 16.33 30.58 23.67
C THR A 852 15.67 31.10 22.40
N VAL A 853 14.49 30.54 22.10
CA VAL A 853 13.68 30.93 20.96
C VAL A 853 12.28 31.21 21.47
N GLY A 854 12.00 32.48 21.78
CA GLY A 854 10.81 32.86 22.52
C GLY A 854 10.78 32.29 23.94
N ASN A 855 9.75 31.47 24.22
CA ASN A 855 9.58 30.80 25.51
C ASN A 855 10.39 29.51 25.59
N ASN A 856 10.87 28.98 24.45
CA ASN A 856 11.56 27.71 24.35
C ASN A 856 13.02 27.81 24.81
N MET A 857 13.48 26.75 25.51
CA MET A 857 14.87 26.55 25.90
C MET A 857 15.47 25.38 25.12
N ILE A 858 16.60 25.63 24.42
CA ILE A 858 17.20 24.69 23.49
C ILE A 858 18.11 23.72 24.23
N ASN A 859 17.59 22.51 24.55
CA ASN A 859 18.34 21.42 25.16
C ASN A 859 17.54 20.11 25.05
N GLY A 860 18.14 19.06 24.46
CA GLY A 860 17.45 17.80 24.19
C GLY A 860 17.44 17.41 22.70
N LEU A 861 16.44 16.58 22.32
CA LEU A 861 16.29 16.01 20.98
C LEU A 861 15.13 16.67 20.22
N TYR A 862 15.34 17.02 18.94
CA TYR A 862 14.38 17.79 18.16
C TYR A 862 14.23 17.23 16.74
N VAL A 863 13.02 17.33 16.16
CA VAL A 863 12.80 17.12 14.73
C VAL A 863 12.92 18.47 14.01
N ALA A 864 13.51 18.46 12.82
CA ALA A 864 13.59 19.65 11.99
C ALA A 864 13.36 19.29 10.52
N SER A 865 12.68 20.19 9.78
CA SER A 865 12.49 20.03 8.33
C SER A 865 11.89 18.67 7.97
N GLN A 866 12.31 18.07 6.84
CA GLN A 866 11.72 16.82 6.39
C GLN A 866 12.36 15.60 7.07
N ASN A 867 13.68 15.42 6.87
CA ASN A 867 14.36 14.19 7.27
C ASN A 867 15.47 14.44 8.30
N THR A 868 15.35 15.47 9.16
CA THR A 868 16.45 15.88 10.02
C THR A 868 16.13 15.72 11.50
N LEU A 869 17.12 15.20 12.26
CA LEU A 869 17.12 15.20 13.72
C LEU A 869 18.30 16.02 14.24
N ILE A 870 18.04 16.88 15.24
CA ILE A 870 19.08 17.65 15.91
C ILE A 870 19.12 17.25 17.39
N TYR A 871 20.32 16.96 17.92
CA TYR A 871 20.53 16.73 19.34
C TYR A 871 21.49 17.77 19.91
N VAL A 872 21.02 18.53 20.92
CA VAL A 872 21.82 19.59 21.54
C VAL A 872 22.13 19.21 22.98
N VAL A 873 23.43 19.16 23.31
CA VAL A 873 23.93 18.68 24.59
C VAL A 873 24.90 19.68 25.20
N PRO A 874 25.10 19.72 26.55
CA PRO A 874 26.07 20.62 27.16
C PRO A 874 27.53 20.31 26.80
N ASN A 875 28.41 21.29 27.03
CA ASN A 875 29.81 21.17 26.63
C ASN A 875 30.47 19.98 27.29
N GLY A 876 30.17 19.78 28.58
CA GLY A 876 30.86 18.77 29.34
C GLY A 876 30.44 17.34 28.97
N SER A 877 29.39 17.21 28.14
CA SER A 877 28.77 15.94 27.78
C SER A 877 28.88 15.59 26.29
N PHE A 878 29.63 16.37 25.52
CA PHE A 878 29.65 16.24 24.07
C PHE A 878 30.36 14.96 23.65
N VAL A 879 31.63 14.77 24.07
CA VAL A 879 32.39 13.59 23.69
C VAL A 879 31.76 12.38 24.35
N GLY A 880 31.37 11.38 23.57
CA GLY A 880 30.65 10.26 24.15
C GLY A 880 29.13 10.35 24.03
N SER A 881 28.55 11.50 23.68
CA SER A 881 27.13 11.59 23.42
C SER A 881 26.76 10.71 22.23
N ASN A 882 25.54 10.15 22.26
CA ASN A 882 25.16 9.12 21.29
C ASN A 882 23.64 9.08 21.05
N ILE A 883 23.27 8.62 19.84
CA ILE A 883 21.90 8.33 19.44
C ILE A 883 21.83 6.87 19.00
N LYS A 884 20.79 6.14 19.45
CA LYS A 884 20.55 4.77 19.02
C LYS A 884 19.21 4.71 18.29
N LEU A 885 19.24 4.21 17.04
CA LEU A 885 18.08 4.14 16.17
C LEU A 885 17.65 2.70 16.00
N THR A 886 16.35 2.45 16.18
CA THR A 886 15.75 1.14 15.94
C THR A 886 14.66 1.29 14.89
N TYR A 887 14.71 0.45 13.84
CA TYR A 887 13.67 0.41 12.84
C TYR A 887 12.99 -0.94 12.85
N THR A 888 11.66 -0.94 12.98
CA THR A 888 10.83 -2.14 12.97
C THR A 888 9.96 -2.12 11.72
N THR A 889 9.78 -3.27 11.07
CA THR A 889 9.03 -3.39 9.85
C THR A 889 7.60 -2.84 9.99
N THR A 890 7.04 -2.37 8.85
CA THR A 890 5.71 -1.78 8.77
C THR A 890 4.67 -2.82 8.33
N ASP A 891 5.11 -3.96 7.77
CA ASP A 891 4.21 -4.91 7.11
C ASP A 891 4.11 -6.22 7.89
N TYR A 892 2.87 -6.65 8.18
CA TYR A 892 2.57 -7.82 8.99
C TYR A 892 3.14 -9.12 8.42
N ALA A 893 3.33 -9.24 7.10
CA ALA A 893 3.91 -10.46 6.53
C ALA A 893 5.36 -10.64 6.97
N VAL A 894 6.12 -9.54 7.08
CA VAL A 894 7.49 -9.58 7.54
C VAL A 894 7.55 -10.00 9.01
N LEU A 895 6.65 -9.47 9.85
CA LEU A 895 6.56 -9.88 11.26
C LEU A 895 6.26 -11.36 11.40
N HIS A 896 5.39 -11.90 10.56
CA HIS A 896 4.93 -13.28 10.62
C HIS A 896 6.02 -14.27 10.20
N TYR A 897 6.65 -14.07 9.03
CA TYR A 897 7.59 -15.04 8.49
C TYR A 897 8.97 -14.94 9.14
N PHE A 898 9.30 -13.83 9.80
CA PHE A 898 10.60 -13.68 10.42
C PHE A 898 10.55 -13.40 11.93
N TYR A 899 9.49 -13.83 12.64
CA TYR A 899 9.38 -13.58 14.08
C TYR A 899 10.47 -14.31 14.86
N SER A 900 10.73 -15.58 14.49
CA SER A 900 11.60 -16.47 15.23
C SER A 900 13.07 -16.08 15.13
N THR A 901 13.48 -15.64 13.94
CA THR A 901 14.87 -15.30 13.67
C THR A 901 15.20 -13.87 14.11
N GLY A 902 14.20 -13.02 14.28
CA GLY A 902 14.42 -11.66 14.75
C GLY A 902 14.77 -10.66 13.66
N GLN A 903 14.69 -11.07 12.39
CA GLN A 903 15.12 -10.27 11.25
C GLN A 903 14.12 -9.16 10.89
N TYR A 904 13.14 -8.89 11.76
CA TYR A 904 12.14 -7.85 11.53
C TYR A 904 12.51 -6.51 12.16
N LYS A 905 13.54 -6.47 13.02
CA LYS A 905 14.10 -5.24 13.59
C LYS A 905 15.57 -5.07 13.21
N VAL A 906 16.02 -3.82 13.03
CA VAL A 906 17.42 -3.51 12.82
C VAL A 906 17.84 -2.26 13.60
N PHE A 907 19.11 -2.20 14.06
CA PHE A 907 19.59 -1.19 15.00
C PHE A 907 20.91 -0.59 14.52
N LYS A 908 21.17 0.67 14.89
CA LYS A 908 22.40 1.37 14.57
C LYS A 908 22.63 2.44 15.64
N THR A 909 23.89 2.77 15.92
CA THR A 909 24.18 3.84 16.85
C THR A 909 25.30 4.77 16.36
N VAL A 910 25.07 6.08 16.51
CA VAL A 910 25.99 7.13 16.12
C VAL A 910 26.53 7.76 17.39
N SER A 911 27.85 7.95 17.48
CA SER A 911 28.43 8.58 18.66
C SER A 911 29.67 9.44 18.35
N VAL A 912 29.90 10.47 19.19
CA VAL A 912 30.91 11.50 18.95
C VAL A 912 32.26 11.01 19.48
N PRO A 913 33.31 10.87 18.66
CA PRO A 913 34.59 10.34 19.12
C PRO A 913 35.52 11.33 19.81
N ASN A 914 36.43 10.83 20.66
CA ASN A 914 37.42 11.66 21.35
C ASN A 914 38.50 12.09 20.36
N VAL A 915 39.15 13.25 20.59
CA VAL A 915 40.16 13.81 19.70
C VAL A 915 41.34 14.40 20.49
N THR A 916 42.56 14.34 19.92
CA THR A 916 43.75 14.80 20.63
C THR A 916 43.99 16.29 20.44
N ALA A 917 43.86 17.07 21.51
CA ALA A 917 44.18 18.50 21.49
C ALA A 917 45.67 18.73 21.70
N ASN A 918 46.16 19.96 21.49
CA ASN A 918 47.58 20.25 21.61
C ASN A 918 47.86 21.74 21.85
N LEU A 919 48.86 22.05 22.67
CA LEU A 919 49.37 23.41 22.92
C LEU A 919 50.87 23.38 22.68
N TYR A 920 51.45 24.41 22.03
CA TYR A 920 52.85 24.38 21.60
C TYR A 920 53.41 25.77 21.28
N PHE A 921 54.57 26.15 21.86
CA PHE A 921 55.31 27.33 21.44
C PHE A 921 55.96 26.94 20.12
N PRO A 922 56.19 27.84 19.14
CA PRO A 922 56.52 27.38 17.78
C PRO A 922 57.80 26.56 17.70
N SER A 923 58.81 26.89 18.55
CA SER A 923 60.11 26.23 18.57
C SER A 923 60.55 25.95 20.01
N SER A 924 61.41 24.93 20.19
CA SER A 924 61.87 24.50 21.50
C SER A 924 62.63 25.61 22.21
N THR A 925 63.51 26.29 21.47
CA THR A 925 64.22 27.49 21.93
C THR A 925 63.52 28.74 21.39
N THR A 926 63.37 29.77 22.24
CA THR A 926 62.84 31.07 21.82
C THR A 926 63.74 32.20 22.33
N PRO A 927 64.11 33.20 21.48
CA PRO A 927 65.04 34.25 21.90
C PRO A 927 64.42 35.36 22.74
N LEU A 928 65.23 35.88 23.69
CA LEU A 928 64.81 36.97 24.56
C LEU A 928 64.77 38.32 23.83
N TYR A 929 65.43 38.42 22.68
CA TYR A 929 65.54 39.66 21.92
C TYR A 929 64.17 40.16 21.47
N GLN A 930 63.26 39.23 21.13
CA GLN A 930 61.96 39.57 20.55
C GLN A 930 60.91 39.80 21.65
N LEU A 931 59.97 40.74 21.41
CA LEU A 931 59.14 41.27 22.48
C LEU A 931 57.96 40.36 22.82
N SER A 932 57.51 39.57 21.83
CA SER A 932 56.36 38.68 21.96
C SER A 932 56.68 37.32 21.33
N VAL A 933 56.27 36.22 22.00
CA VAL A 933 56.52 34.88 21.50
C VAL A 933 55.21 34.10 21.45
N PRO A 934 54.58 33.92 20.27
CA PRO A 934 53.28 33.27 20.17
C PRO A 934 53.17 31.86 20.75
N LEU A 935 52.04 31.61 21.43
CA LEU A 935 51.63 30.30 21.96
C LEU A 935 50.34 29.88 21.26
N TYR A 936 50.36 28.80 20.47
CA TYR A 936 49.20 28.36 19.69
C TYR A 936 48.46 27.25 20.43
N LEU A 937 47.11 27.29 20.54
CA LEU A 937 46.28 26.22 21.07
C LEU A 937 45.53 25.60 19.92
N SER A 938 45.29 24.29 19.98
CA SER A 938 44.61 23.58 18.92
C SER A 938 43.71 22.51 19.50
N GLU A 939 42.48 22.44 18.99
CA GLU A 939 41.50 21.46 19.41
C GLU A 939 40.38 21.47 18.38
N PRO A 940 40.16 20.40 17.59
CA PRO A 940 39.22 20.44 16.48
C PRO A 940 37.80 20.91 16.78
N TYR A 941 37.25 20.54 17.94
CA TYR A 941 35.86 20.81 18.23
C TYR A 941 35.55 22.27 18.59
N TYR A 942 36.56 23.12 18.78
CA TYR A 942 36.36 24.55 18.97
C TYR A 942 36.06 25.30 17.67
N GLY A 943 36.31 24.69 16.49
CA GLY A 943 36.23 25.35 15.19
C GLY A 943 34.83 25.80 14.76
N SER A 944 34.75 26.91 13.99
CA SER A 944 33.50 27.47 13.47
C SER A 944 33.76 28.43 12.31
N PRO A 945 32.75 28.99 11.61
CA PRO A 945 32.99 30.03 10.59
C PRO A 945 33.62 31.30 11.16
N LEU A 946 34.40 32.01 10.34
CA LEU A 946 35.17 33.17 10.77
C LEU A 946 34.29 34.42 10.88
N PRO A 947 34.57 35.37 11.80
CA PRO A 947 35.60 35.22 12.82
C PRO A 947 35.07 34.52 14.07
N THR A 948 35.98 33.86 14.79
CA THR A 948 35.69 33.34 16.11
C THR A 948 36.91 33.54 16.98
N TYR A 949 36.67 33.75 18.28
CA TYR A 949 37.73 34.17 19.17
C TYR A 949 37.52 33.66 20.59
N ILE A 950 38.63 33.45 21.30
CA ILE A 950 38.63 33.04 22.69
C ILE A 950 39.20 34.20 23.51
N GLY A 951 38.44 34.64 24.52
CA GLY A 951 38.89 35.68 25.44
C GLY A 951 39.34 35.11 26.79
N LEU A 952 40.25 35.84 27.47
CA LEU A 952 40.81 35.44 28.76
C LEU A 952 40.62 36.54 29.81
N GLY A 953 40.60 36.15 31.09
CA GLY A 953 40.43 37.09 32.21
C GLY A 953 40.22 36.40 33.58
N THR A 954 40.13 37.21 34.66
CA THR A 954 39.89 36.77 36.03
C THR A 954 40.96 35.80 36.50
N ASN A 955 40.59 34.55 36.86
CA ASN A 955 41.53 33.51 37.24
C ASN A 955 41.84 32.62 36.03
N GLY A 956 41.99 33.22 34.86
CA GLY A 956 42.44 32.53 33.66
C GLY A 956 41.30 31.83 32.92
N THR A 957 40.08 32.36 33.03
CA THR A 957 38.90 31.73 32.44
C THR A 957 38.80 32.01 30.94
N SER A 958 38.48 30.97 30.15
CA SER A 958 38.45 30.99 28.70
C SER A 958 36.99 31.08 28.20
N LEU A 959 36.67 32.12 27.41
CA LEU A 959 35.33 32.34 26.88
C LEU A 959 35.33 32.38 25.36
N TRP A 960 34.42 31.62 24.74
CA TRP A 960 34.39 31.39 23.30
C TRP A 960 33.18 32.09 22.68
N ASN A 961 33.42 32.81 21.57
CA ASN A 961 32.39 33.56 20.87
C ASN A 961 32.43 33.30 19.37
N SER A 962 31.26 33.16 18.76
CA SER A 962 31.16 32.78 17.36
C SER A 962 29.96 33.43 16.66
N PRO A 963 30.01 34.75 16.40
CA PRO A 963 28.85 35.50 15.89
C PRO A 963 28.24 35.06 14.55
N ASN A 964 29.00 34.44 13.65
CA ASN A 964 28.54 34.08 12.32
C ASN A 964 27.91 32.68 12.27
N TYR A 965 27.86 31.97 13.40
CA TYR A 965 27.33 30.61 13.45
C TYR A 965 25.80 30.62 13.57
N VAL A 966 25.14 29.90 12.66
CA VAL A 966 23.69 29.71 12.71
C VAL A 966 23.37 28.27 12.29
N LEU A 967 22.37 27.66 12.95
CA LEU A 967 21.91 26.33 12.61
C LEU A 967 20.39 26.31 12.61
N PHE A 968 19.81 26.16 11.41
CA PHE A 968 18.38 26.18 11.15
C PHE A 968 17.69 27.37 11.82
N GLY A 969 18.40 28.50 11.92
CA GLY A 969 17.84 29.76 12.40
C GLY A 969 18.20 30.13 13.85
N VAL A 970 18.86 29.24 14.59
CA VAL A 970 19.30 29.52 15.96
C VAL A 970 20.80 29.83 15.93
N SER A 971 21.22 30.87 16.67
CA SER A 971 22.59 31.38 16.60
C SER A 971 23.31 31.26 17.95
N ALA A 972 24.63 31.04 17.88
CA ALA A 972 25.45 30.54 18.97
C ALA A 972 25.55 31.50 20.16
N VAL A 973 25.83 30.90 21.33
CA VAL A 973 25.86 31.55 22.63
C VAL A 973 27.28 31.52 23.17
N GLN A 974 27.61 32.46 24.06
CA GLN A 974 28.94 32.49 24.67
C GLN A 974 29.12 31.26 25.55
N GLN A 975 30.17 30.46 25.29
CA GLN A 975 30.44 29.24 26.02
C GLN A 975 31.70 29.41 26.87
N TYR A 976 31.75 28.76 28.03
CA TYR A 976 32.92 28.72 28.88
C TYR A 976 33.57 27.34 28.78
N LEU A 977 34.79 27.25 28.17
CA LEU A 977 35.31 25.97 27.69
C LEU A 977 36.63 25.51 28.30
N GLY A 978 37.25 26.30 29.19
CA GLY A 978 38.49 25.85 29.84
C GLY A 978 39.15 26.92 30.71
N PHE A 979 40.38 26.65 31.17
CA PHE A 979 41.15 27.66 31.90
C PHE A 979 42.66 27.45 31.81
N ILE A 980 43.42 28.55 31.86
CA ILE A 980 44.85 28.46 32.07
C ILE A 980 45.10 28.15 33.55
N LYS A 981 45.86 27.09 33.83
CA LYS A 981 45.96 26.56 35.17
C LYS A 981 47.12 27.19 35.92
N SER A 982 48.29 27.28 35.28
CA SER A 982 49.48 27.88 35.89
C SER A 982 50.46 28.37 34.82
N ILE A 983 51.30 29.34 35.21
CA ILE A 983 52.40 29.80 34.39
C ILE A 983 53.62 29.93 35.30
N SER A 984 54.77 29.37 34.88
CA SER A 984 55.97 29.28 35.72
C SER A 984 57.25 29.47 34.93
N VAL A 985 58.29 29.98 35.62
CA VAL A 985 59.64 29.97 35.11
C VAL A 985 60.56 29.21 36.07
N THR A 986 61.37 28.30 35.51
CA THR A 986 62.41 27.62 36.26
C THR A 986 63.74 28.24 35.87
N LEU A 987 64.42 28.81 36.88
CA LEU A 987 65.56 29.71 36.68
C LEU A 987 66.87 28.93 36.69
N SER A 988 67.96 29.62 36.33
CA SER A 988 69.26 29.01 36.12
C SER A 988 69.87 28.37 37.38
N ASN A 989 69.54 28.88 38.58
CA ASN A 989 69.96 28.25 39.84
C ASN A 989 69.01 27.14 40.29
N GLY A 990 67.95 26.87 39.50
CA GLY A 990 67.01 25.79 39.78
C GLY A 990 65.77 26.20 40.58
N THR A 991 65.71 27.47 41.05
CA THR A 991 64.52 28.01 41.70
C THR A 991 63.37 28.07 40.70
N THR A 992 62.13 27.73 41.12
CA THR A 992 60.96 27.86 40.25
C THR A 992 59.97 28.88 40.81
N VAL A 993 59.58 29.86 39.98
CA VAL A 993 58.66 30.95 40.33
C VAL A 993 57.30 30.69 39.69
N VAL A 994 56.23 30.77 40.50
CA VAL A 994 54.88 30.59 40.00
C VAL A 994 54.13 31.91 40.07
N ILE A 995 53.70 32.41 38.90
CA ILE A 995 53.11 33.73 38.77
C ILE A 995 51.62 33.61 39.09
N PRO A 996 51.06 34.37 40.07
CA PRO A 996 49.64 34.28 40.38
C PRO A 996 48.81 34.99 39.33
N LEU A 997 47.79 34.30 38.80
CA LEU A 997 46.87 34.91 37.85
C LEU A 997 45.88 35.81 38.59
N THR A 998 45.89 37.10 38.19
CA THR A 998 45.06 38.17 38.73
C THR A 998 44.67 39.10 37.58
N THR A 999 43.66 39.96 37.80
CA THR A 999 43.16 40.84 36.74
C THR A 999 44.23 41.81 36.25
N SER A 1000 45.21 42.07 37.13
CA SER A 1000 46.31 42.98 36.84
C SER A 1000 47.48 42.24 36.16
N ASN A 1001 47.80 41.02 36.62
CA ASN A 1001 48.92 40.26 36.08
C ASN A 1001 48.65 39.82 34.65
N MET A 1002 47.42 39.39 34.36
CA MET A 1002 47.12 38.91 33.02
C MET A 1002 47.29 40.02 31.99
N GLN A 1003 46.88 41.25 32.31
CA GLN A 1003 46.89 42.34 31.35
C GLN A 1003 48.30 42.73 30.94
N THR A 1004 49.32 42.38 31.74
CA THR A 1004 50.69 42.66 31.35
C THR A 1004 51.27 41.51 30.52
N LEU A 1005 50.94 40.27 30.91
CA LEU A 1005 51.49 39.08 30.27
C LEU A 1005 50.84 38.82 28.90
N PHE A 1006 49.58 39.23 28.75
CA PHE A 1006 48.81 39.16 27.50
C PHE A 1006 48.27 40.56 27.18
N PRO A 1007 49.00 41.40 26.42
CA PRO A 1007 48.56 42.75 26.06
C PRO A 1007 47.22 42.84 25.34
N GLN A 1008 46.89 41.80 24.57
CA GLN A 1008 45.55 41.60 24.06
C GLN A 1008 44.97 40.37 24.75
N LEU A 1009 43.79 40.54 25.34
CA LEU A 1009 43.15 39.48 26.11
C LEU A 1009 42.36 38.53 25.22
N VAL A 1010 42.56 38.58 23.89
CA VAL A 1010 41.78 37.76 22.96
C VAL A 1010 42.72 37.07 21.97
N GLY A 1011 42.43 35.80 21.66
CA GLY A 1011 43.11 35.07 20.60
C GLY A 1011 42.16 34.72 19.46
N GLN A 1012 42.59 34.98 18.22
CA GLN A 1012 41.78 34.80 17.03
C GLN A 1012 42.02 33.43 16.39
N GLU A 1013 41.02 32.94 15.65
CA GLU A 1013 41.17 31.74 14.84
C GLU A 1013 41.85 32.13 13.53
N LEU A 1014 42.64 31.22 12.94
CA LEU A 1014 43.52 31.59 11.84
C LEU A 1014 42.89 31.33 10.47
N GLN A 1015 42.07 30.28 10.34
CA GLN A 1015 41.37 29.90 9.10
C GLN A 1015 40.09 29.13 9.41
N ALA A 1016 39.14 29.11 8.47
CA ALA A 1016 37.81 28.56 8.70
C ALA A 1016 37.82 27.06 9.01
N CYS A 1017 37.22 26.67 10.15
CA CYS A 1017 36.95 25.29 10.56
C CYS A 1017 38.15 24.47 11.04
N ASN A 1018 39.35 25.00 10.91
CA ASN A 1018 40.60 24.50 11.43
C ASN A 1018 40.77 25.15 12.79
N GLY A 1019 40.43 24.43 13.86
CA GLY A 1019 40.62 24.97 15.20
C GLY A 1019 42.11 25.13 15.55
N THR A 1020 42.68 26.31 15.29
CA THR A 1020 44.02 26.65 15.73
C THR A 1020 44.02 28.13 16.11
N PHE A 1021 44.07 28.45 17.42
CA PHE A 1021 43.98 29.82 17.95
C PHE A 1021 45.38 30.33 18.29
N GLN A 1022 45.61 31.65 18.21
CA GLN A 1022 46.93 32.26 18.37
C GLN A 1022 46.91 33.36 19.46
N PHE A 1023 47.85 33.32 20.41
CA PHE A 1023 47.91 34.27 21.52
C PHE A 1023 49.30 34.89 21.67
N GLY A 1024 49.38 36.05 22.34
CA GLY A 1024 50.63 36.82 22.39
C GLY A 1024 51.25 36.96 23.78
N ILE A 1025 51.71 35.84 24.35
CA ILE A 1025 52.42 35.89 25.62
C ILE A 1025 53.71 36.71 25.47
N SER A 1026 53.86 37.73 26.32
CA SER A 1026 54.74 38.85 26.04
C SER A 1026 55.94 38.91 26.99
N ILE A 1027 57.14 38.82 26.42
CA ILE A 1027 58.39 38.76 27.17
C ILE A 1027 58.64 40.09 27.88
N THR A 1028 58.30 41.20 27.21
CA THR A 1028 58.45 42.54 27.77
C THR A 1028 57.65 42.71 29.06
N GLY A 1029 56.51 42.01 29.17
CA GLY A 1029 55.68 41.97 30.37
C GLY A 1029 56.25 41.02 31.42
N LEU A 1030 56.71 39.84 30.97
CA LEU A 1030 57.19 38.78 31.83
C LEU A 1030 58.36 39.24 32.70
N GLU A 1031 59.29 40.02 32.12
CA GLU A 1031 60.44 40.57 32.83
C GLU A 1031 59.98 41.39 34.04
N LYS A 1032 59.10 42.37 33.78
CA LYS A 1032 58.63 43.31 34.79
C LYS A 1032 57.78 42.60 35.84
N LEU A 1033 57.01 41.60 35.44
CA LEU A 1033 56.13 40.88 36.34
C LEU A 1033 56.93 40.03 37.34
N LEU A 1034 58.15 39.61 36.97
CA LEU A 1034 59.07 38.88 37.84
C LEU A 1034 60.04 39.79 38.60
N ASN A 1035 60.35 40.97 38.03
CA ASN A 1035 61.41 41.87 38.48
C ASN A 1035 62.80 41.23 38.39
N LEU A 1036 62.92 40.11 37.66
CA LEU A 1036 64.16 39.39 37.47
C LEU A 1036 65.11 40.19 36.58
N ASN A 1037 66.42 40.10 36.86
CA ASN A 1037 67.46 40.83 36.13
C ASN A 1037 67.36 40.55 34.64
N VAL A 1038 67.53 41.61 33.84
CA VAL A 1038 67.06 41.78 32.48
C VAL A 1038 67.19 40.50 31.64
N GLN A 1039 68.43 40.00 31.52
CA GLN A 1039 68.69 38.77 30.78
C GLN A 1039 69.67 37.86 31.51
N GLN A 1040 70.48 38.44 32.41
CA GLN A 1040 71.70 37.83 32.92
C GLN A 1040 71.40 36.58 33.76
N LEU A 1041 70.22 36.51 34.38
CA LEU A 1041 69.78 35.36 35.16
C LEU A 1041 68.99 34.34 34.34
N ASN A 1042 68.50 34.74 33.15
CA ASN A 1042 67.27 34.18 32.58
C ASN A 1042 67.51 33.17 31.45
N ASN A 1043 68.60 32.39 31.49
CA ASN A 1043 68.66 31.14 30.77
C ASN A 1043 67.77 30.11 31.48
N SER A 1044 66.49 30.03 31.06
CA SER A 1044 65.40 29.48 31.86
C SER A 1044 64.40 28.70 31.01
N ILE A 1045 63.54 27.90 31.67
CA ILE A 1045 62.45 27.19 31.01
C ILE A 1045 61.12 27.85 31.41
N LEU A 1046 60.35 28.29 30.41
CA LEU A 1046 58.98 28.80 30.57
C LEU A 1046 57.99 27.66 30.39
N SER A 1047 56.88 27.71 31.14
CA SER A 1047 55.85 26.66 31.10
C SER A 1047 54.45 27.26 31.21
N VAL A 1048 53.49 26.67 30.48
CA VAL A 1048 52.05 27.02 30.50
C VAL A 1048 51.22 25.74 30.48
N THR A 1049 50.00 25.78 31.04
CA THR A 1049 49.15 24.60 31.12
C THR A 1049 47.67 24.98 30.99
N TYR A 1050 46.89 24.19 30.22
CA TYR A 1050 45.50 24.52 29.93
C TYR A 1050 44.67 23.26 30.03
N HIS A 1051 43.50 23.42 30.64
CA HIS A 1051 42.54 22.35 30.80
C HIS A 1051 41.37 22.64 29.88
N ASP A 1052 40.93 21.66 29.07
CA ASP A 1052 39.70 21.82 28.30
C ASP A 1052 38.61 20.87 28.79
N TYR A 1053 37.38 21.38 28.85
CA TYR A 1053 36.28 20.60 29.39
C TYR A 1053 35.74 19.61 28.36
N VAL A 1054 35.90 19.91 27.07
CA VAL A 1054 35.21 19.14 26.04
C VAL A 1054 35.82 17.74 25.96
N THR A 1055 37.15 17.66 25.90
CA THR A 1055 37.83 16.37 25.87
C THR A 1055 38.17 15.90 27.27
N GLY A 1056 38.54 16.84 28.15
CA GLY A 1056 38.96 16.51 29.50
C GLY A 1056 40.49 16.50 29.68
N GLU A 1057 41.24 16.92 28.67
CA GLU A 1057 42.69 16.79 28.72
C GLU A 1057 43.34 17.99 29.40
N THR A 1058 44.51 17.76 30.02
CA THR A 1058 45.37 18.84 30.48
C THR A 1058 46.64 18.92 29.66
N LEU A 1059 46.69 19.91 28.76
CA LEU A 1059 47.81 20.10 27.88
C LEU A 1059 48.89 20.96 28.54
N THR A 1060 50.16 20.77 28.11
CA THR A 1060 51.24 21.62 28.57
C THR A 1060 52.28 21.85 27.48
N ALA A 1061 52.93 23.01 27.51
CA ALA A 1061 53.95 23.40 26.54
C ALA A 1061 55.10 24.09 27.27
N THR A 1062 56.32 23.96 26.71
CA THR A 1062 57.51 24.56 27.31
C THR A 1062 58.46 25.14 26.26
N THR A 1063 59.30 26.10 26.69
CA THR A 1063 60.34 26.65 25.84
C THR A 1063 61.54 27.09 26.66
N LYS A 1064 62.75 26.85 26.14
CA LYS A 1064 63.96 27.40 26.72
C LYS A 1064 64.17 28.82 26.20
N LEU A 1065 64.20 29.77 27.12
CA LEU A 1065 64.46 31.16 26.81
C LEU A 1065 65.97 31.34 26.61
N VAL A 1066 66.37 31.91 25.45
CA VAL A 1066 67.77 31.96 25.07
C VAL A 1066 68.25 33.39 24.77
N ALA A 1067 69.48 33.65 25.21
CA ALA A 1067 70.34 34.73 24.76
C ALA A 1067 71.79 34.30 25.00
N LEU A 1068 72.75 35.07 24.48
CA LEU A 1068 74.17 34.78 24.72
C LEU A 1068 74.45 34.82 26.22
N SER A 1069 74.91 33.68 26.77
CA SER A 1069 74.96 33.43 28.20
C SER A 1069 76.24 32.67 28.56
#